data_8H4P
#
_entry.id   8H4P
#
_cell.length_a   76.704
_cell.length_b   59.416
_cell.length_c   83.548
_cell.angle_alpha   90.000
_cell.angle_beta   98.330
_cell.angle_gamma   90.000
#
_symmetry.space_group_name_H-M   'P 1 21 1'
#
loop_
_entity.id
_entity.type
_entity.pdbx_description
1 polymer 'Longiborneol synthase CLM1'
2 non-polymer PYROPHOSPHATE
3 non-polymer N-benzyl-N,N-diethylethanaminium
4 non-polymer 'MAGNESIUM ION'
5 water water
#
_entity_poly.entity_id   1
_entity_poly.type   'polypeptide(L)'
_entity_poly.pdbx_seq_one_letter_code
;GSHMAMLATPTLSNFDKPSLPSSEGGDPALAARLQPLYSRFLTDLDLQPEYRRHESEKLMEEVLKFAKSTGVPHDLNSHS
YQSLMVGYTYADNCLPYHDIEVKVYVAIYTWLATICDDAEALGIIDDVQLFEQRFILGEEQPTVLLRAFADQLKLTYKLY
HPLVANLILCSSLNLLTSTSLVARKGIKEKGDHPSKGGNYFAWYIRERDGVGEAYSWFTFPKRQFPNLDIPIEAIEDMTR
FIAYLNDVLSFYKESLAGETHNYINHTAAYEGVDSDAALHKTAQDTIDCARRIESVLAGKGEYEKAWRLHASGYLQMHVQ
RGRYRLIEVGVGDAPDVHEVIKKI
;
_entity_poly.pdbx_strand_id   A,B
#
# COMPACT_ATOMS: atom_id res chain seq x y z
N LYS A 17 5.08 -8.64 24.90
CA LYS A 17 4.82 -9.51 23.72
C LYS A 17 3.57 -10.37 23.96
N PRO A 18 2.76 -10.75 22.94
CA PRO A 18 1.62 -11.62 23.14
C PRO A 18 2.04 -13.01 23.63
N SER A 19 1.14 -13.63 24.39
CA SER A 19 1.22 -15.05 24.78
C SER A 19 1.14 -15.92 23.54
N LEU A 20 1.66 -17.13 23.62
CA LEU A 20 1.50 -18.11 22.52
C LEU A 20 0.06 -18.56 22.44
N PRO A 21 -0.40 -19.00 21.24
CA PRO A 21 -1.74 -19.56 21.07
C PRO A 21 -2.02 -20.67 22.08
N SER A 22 -3.27 -20.76 22.53
CA SER A 22 -3.75 -21.81 23.46
C SER A 22 -5.20 -22.17 23.11
N SER A 23 -5.66 -23.33 23.57
CA SER A 23 -7.07 -23.76 23.46
C SER A 23 -7.69 -23.81 24.85
N GLU A 24 -6.88 -23.47 25.85
CA GLU A 24 -7.33 -23.57 27.25
C GLU A 24 -7.85 -22.26 27.84
N GLY A 25 -8.83 -22.37 28.71
CA GLY A 25 -9.42 -21.24 29.45
C GLY A 25 -10.12 -20.29 28.51
N GLY A 26 -9.95 -19.00 28.72
CA GLY A 26 -10.74 -18.00 28.01
C GLY A 26 -11.05 -16.82 28.89
N ASP A 27 -12.02 -16.01 28.49
CA ASP A 27 -12.42 -14.80 29.25
C ASP A 27 -13.94 -14.75 29.22
N PRO A 28 -14.63 -15.45 30.14
CA PRO A 28 -16.09 -15.54 30.04
C PRO A 28 -16.84 -14.20 29.98
N ALA A 29 -16.37 -13.17 30.68
CA ALA A 29 -17.02 -11.86 30.69
C ALA A 29 -16.90 -11.22 29.31
N LEU A 30 -15.72 -11.26 28.71
CA LEU A 30 -15.54 -10.68 27.35
C LEU A 30 -16.41 -11.48 26.37
N ALA A 31 -16.41 -12.80 26.50
CA ALA A 31 -17.23 -13.63 25.60
C ALA A 31 -18.71 -13.24 25.74
N ALA A 32 -19.21 -13.03 26.96
CA ALA A 32 -20.61 -12.61 27.16
C ALA A 32 -20.88 -11.24 26.55
N ARG A 33 -19.91 -10.33 26.63
CA ARG A 33 -20.05 -8.99 26.02
C ARG A 33 -20.05 -9.09 24.49
N LEU A 34 -19.28 -10.00 23.91
CA LEU A 34 -19.13 -10.05 22.44
C LEU A 34 -20.21 -10.88 21.77
N GLN A 35 -20.78 -11.89 22.45
CA GLN A 35 -21.70 -12.84 21.76
C GLN A 35 -22.83 -12.12 21.04
N PRO A 36 -23.56 -11.16 21.66
CA PRO A 36 -24.66 -10.49 20.96
C PRO A 36 -24.20 -9.75 19.68
N LEU A 37 -23.10 -9.05 19.77
CA LEU A 37 -22.57 -8.33 18.58
C LEU A 37 -22.21 -9.36 17.49
N TYR A 38 -21.52 -10.41 17.88
CA TYR A 38 -21.05 -11.43 16.93
C TYR A 38 -22.21 -12.14 16.26
N SER A 39 -23.23 -12.55 17.02
CA SER A 39 -24.41 -13.24 16.44
C SER A 39 -25.19 -12.31 15.49
N ARG A 40 -25.33 -11.02 15.84
CA ARG A 40 -26.03 -10.05 14.98
C ARG A 40 -25.18 -9.77 13.73
N PHE A 41 -23.85 -9.75 13.87
CA PHE A 41 -22.96 -9.47 12.72
C PHE A 41 -23.05 -10.62 11.72
N LEU A 42 -23.03 -11.85 12.20
CA LEU A 42 -23.10 -13.02 11.30
C LEU A 42 -24.37 -12.96 10.44
N THR A 43 -25.50 -12.56 11.01
CA THR A 43 -26.77 -12.43 10.29
C THR A 43 -26.75 -11.22 9.35
N ASP A 44 -26.33 -10.06 9.87
CA ASP A 44 -26.45 -8.78 9.16
C ASP A 44 -25.47 -8.73 7.99
N LEU A 45 -24.40 -9.51 8.05
CA LEU A 45 -23.52 -9.56 6.85
C LEU A 45 -24.29 -10.05 5.63
N ASP A 46 -25.24 -10.95 5.81
CA ASP A 46 -26.12 -11.42 4.71
C ASP A 46 -25.25 -11.79 3.50
N LEU A 47 -24.24 -12.61 3.74
CA LEU A 47 -23.38 -13.08 2.62
C LEU A 47 -23.98 -14.30 1.92
N GLN A 48 -24.31 -14.10 0.64
CA GLN A 48 -24.95 -15.14 -0.20
C GLN A 48 -24.13 -15.37 -1.43
N PRO A 49 -24.17 -16.54 -2.05
CA PRO A 49 -24.90 -17.70 -1.52
C PRO A 49 -24.17 -18.39 -0.38
N GLU A 50 -24.79 -19.45 0.12
CA GLU A 50 -24.19 -20.36 1.11
C GLU A 50 -22.81 -20.77 0.60
N TYR A 51 -21.88 -20.90 1.52
CA TYR A 51 -20.52 -21.30 1.14
C TYR A 51 -20.49 -22.74 0.62
N ARG A 52 -19.55 -22.92 -0.27
CA ARG A 52 -19.37 -24.25 -0.90
C ARG A 52 -17.97 -24.78 -0.68
N ARG A 53 -17.86 -26.11 -0.79
CA ARG A 53 -16.54 -26.79 -0.80
C ARG A 53 -16.52 -27.72 -2.02
N HIS A 54 -15.33 -28.06 -2.53
CA HIS A 54 -15.20 -28.90 -3.72
C HIS A 54 -13.91 -29.69 -3.63
N GLU A 55 -13.93 -31.01 -3.84
CA GLU A 55 -12.68 -31.83 -3.85
C GLU A 55 -11.88 -31.55 -2.57
N SER A 56 -12.57 -31.60 -1.44
CA SER A 56 -11.96 -31.30 -0.13
C SER A 56 -10.91 -32.34 0.20
N GLU A 57 -11.17 -33.62 -0.08
CA GLU A 57 -10.17 -34.66 0.30
C GLU A 57 -8.95 -34.58 -0.62
N LYS A 58 -9.13 -34.33 -1.90
CA LYS A 58 -7.99 -34.16 -2.83
C LYS A 58 -7.19 -32.93 -2.39
N LEU A 59 -7.87 -31.86 -2.03
CA LEU A 59 -7.13 -30.66 -1.55
C LEU A 59 -6.28 -31.03 -0.33
N MET A 60 -6.83 -31.78 0.62
CA MET A 60 -6.05 -32.05 1.85
C MET A 60 -4.83 -32.88 1.44
N GLU A 61 -4.96 -33.84 0.56
CA GLU A 61 -3.82 -34.67 0.11
C GLU A 61 -2.75 -33.75 -0.48
N GLU A 62 -3.15 -32.83 -1.33
CA GLU A 62 -2.18 -32.00 -2.06
C GLU A 62 -1.58 -30.95 -1.12
N VAL A 63 -2.33 -30.43 -0.17
CA VAL A 63 -1.80 -29.46 0.82
C VAL A 63 -0.78 -30.17 1.71
N LEU A 64 -1.08 -31.33 2.20
CA LEU A 64 -0.14 -32.02 3.10
C LEU A 64 1.12 -32.39 2.33
N LYS A 65 1.02 -32.79 1.09
CA LYS A 65 2.22 -33.10 0.26
C LYS A 65 3.08 -31.84 0.08
N PHE A 66 2.44 -30.73 -0.28
CA PHE A 66 3.25 -29.52 -0.48
C PHE A 66 3.86 -29.15 0.87
N ALA A 67 3.11 -29.22 1.97
CA ALA A 67 3.60 -28.79 3.29
C ALA A 67 4.86 -29.60 3.60
N LYS A 68 4.86 -30.90 3.36
CA LYS A 68 6.05 -31.78 3.57
C LYS A 68 7.24 -31.26 2.76
N SER A 69 7.01 -30.82 1.54
CA SER A 69 8.06 -30.35 0.63
C SER A 69 8.74 -29.09 1.16
N THR A 70 8.14 -28.32 2.05
CA THR A 70 8.71 -27.03 2.46
C THR A 70 9.74 -27.24 3.57
N GLY A 71 9.67 -28.38 4.26
CA GLY A 71 10.49 -28.66 5.44
C GLY A 71 9.97 -28.00 6.71
N VAL A 72 8.97 -27.14 6.65
CA VAL A 72 8.46 -26.44 7.87
C VAL A 72 7.67 -27.42 8.72
N PRO A 73 8.02 -27.64 10.00
CA PRO A 73 7.27 -28.59 10.82
C PRO A 73 5.82 -28.14 11.02
N HIS A 74 4.93 -29.14 11.06
CA HIS A 74 3.47 -28.92 11.25
C HIS A 74 2.92 -30.14 12.00
N ASP A 75 3.57 -30.46 13.13
CA ASP A 75 3.15 -31.64 13.93
C ASP A 75 1.72 -31.44 14.40
N LEU A 76 0.99 -32.54 14.54
CA LEU A 76 -0.40 -32.46 15.10
C LEU A 76 -0.37 -31.72 16.42
N ASN A 77 -1.40 -30.87 16.64
CA ASN A 77 -1.61 -30.15 17.90
C ASN A 77 -0.60 -29.04 18.13
N SER A 78 0.16 -28.67 17.10
CA SER A 78 1.07 -27.51 17.18
C SER A 78 0.42 -26.22 16.67
N HIS A 79 0.99 -25.10 17.04
CA HIS A 79 0.61 -23.79 16.47
C HIS A 79 0.76 -23.84 14.95
N SER A 80 1.83 -24.40 14.42
CA SER A 80 2.03 -24.50 12.97
C SER A 80 0.90 -25.30 12.32
N TYR A 81 0.50 -26.42 12.93
CA TYR A 81 -0.59 -27.22 12.33
C TYR A 81 -1.92 -26.46 12.42
N GLN A 82 -2.13 -25.75 13.51
CA GLN A 82 -3.34 -24.91 13.65
C GLN A 82 -3.37 -23.98 12.43
N SER A 83 -2.25 -23.33 12.11
CA SER A 83 -2.17 -22.36 10.99
C SER A 83 -2.33 -23.09 9.64
N LEU A 84 -1.74 -24.30 9.51
CA LEU A 84 -1.96 -25.12 8.29
C LEU A 84 -3.46 -25.38 8.11
N MET A 85 -4.20 -25.67 9.18
CA MET A 85 -5.66 -25.89 9.09
C MET A 85 -6.35 -24.58 8.72
N VAL A 86 -5.92 -23.43 9.19
CA VAL A 86 -6.50 -22.16 8.70
C VAL A 86 -6.28 -22.08 7.18
N GLY A 87 -5.07 -22.36 6.71
CA GLY A 87 -4.81 -22.20 5.27
C GLY A 87 -5.59 -23.21 4.45
N TYR A 88 -5.64 -24.45 4.90
CA TYR A 88 -6.47 -25.47 4.22
C TYR A 88 -7.92 -24.93 4.10
N THR A 89 -8.47 -24.49 5.22
CA THR A 89 -9.88 -24.06 5.25
C THR A 89 -10.07 -22.79 4.45
N TYR A 90 -9.11 -21.89 4.45
CA TYR A 90 -9.19 -20.70 3.58
C TYR A 90 -9.43 -21.11 2.14
N ALA A 91 -8.62 -22.03 1.61
CA ALA A 91 -8.73 -22.47 0.24
C ALA A 91 -10.01 -23.29 0.04
N ASP A 92 -10.31 -24.18 0.97
CA ASP A 92 -11.49 -25.07 0.85
C ASP A 92 -12.78 -24.24 0.81
N ASN A 93 -12.90 -23.29 1.72
CA ASN A 93 -14.18 -22.51 1.87
C ASN A 93 -14.23 -21.38 0.88
N CYS A 94 -13.11 -20.71 0.58
CA CYS A 94 -13.16 -19.41 -0.14
C CYS A 94 -12.91 -19.51 -1.65
N LEU A 95 -12.25 -20.56 -2.07
CA LEU A 95 -11.80 -20.75 -3.48
C LEU A 95 -12.23 -22.14 -3.93
N PRO A 96 -13.49 -22.58 -3.63
CA PRO A 96 -13.82 -23.98 -3.87
C PRO A 96 -13.62 -24.47 -5.30
N TYR A 97 -14.00 -23.67 -6.30
CA TYR A 97 -14.00 -24.09 -7.72
C TYR A 97 -12.79 -23.59 -8.49
N HIS A 98 -11.80 -23.09 -7.72
CA HIS A 98 -10.53 -22.61 -8.34
C HIS A 98 -9.63 -23.80 -8.70
N ASP A 99 -8.69 -23.56 -9.61
CA ASP A 99 -7.76 -24.64 -9.96
C ASP A 99 -7.12 -25.17 -8.68
N ILE A 100 -6.94 -26.46 -8.55
CA ILE A 100 -6.38 -26.99 -7.29
C ILE A 100 -4.94 -26.46 -7.09
N GLU A 101 -4.15 -26.18 -8.13
CA GLU A 101 -2.80 -25.60 -7.87
C GLU A 101 -2.91 -24.23 -7.20
N VAL A 102 -3.92 -23.45 -7.58
CA VAL A 102 -4.15 -22.14 -6.93
C VAL A 102 -4.64 -22.38 -5.48
N LYS A 103 -5.58 -23.30 -5.27
CA LYS A 103 -6.09 -23.56 -3.92
C LYS A 103 -4.94 -23.98 -3.00
N VAL A 104 -4.05 -24.86 -3.46
CA VAL A 104 -2.87 -25.30 -2.63
C VAL A 104 -1.99 -24.07 -2.40
N TYR A 105 -1.73 -23.30 -3.46
CA TYR A 105 -0.88 -22.10 -3.32
C TYR A 105 -1.42 -21.23 -2.18
N VAL A 106 -2.71 -20.91 -2.18
CA VAL A 106 -3.28 -20.02 -1.15
C VAL A 106 -3.21 -20.72 0.19
N ALA A 107 -3.52 -22.02 0.26
CA ALA A 107 -3.47 -22.71 1.58
C ALA A 107 -2.07 -22.63 2.21
N ILE A 108 -1.07 -22.87 1.38
CA ILE A 108 0.32 -22.87 1.86
C ILE A 108 0.79 -21.47 2.18
N TYR A 109 0.49 -20.49 1.33
CA TYR A 109 0.75 -19.09 1.64
C TYR A 109 0.16 -18.72 2.99
N THR A 110 -1.08 -19.14 3.25
CA THR A 110 -1.83 -18.71 4.46
C THR A 110 -1.22 -19.40 5.68
N TRP A 111 -0.84 -20.65 5.57
CA TRP A 111 -0.10 -21.35 6.66
C TRP A 111 1.14 -20.55 7.06
N LEU A 112 1.98 -20.29 6.08
CA LEU A 112 3.27 -19.62 6.40
C LEU A 112 3.02 -18.18 6.88
N ALA A 113 2.13 -17.45 6.20
CA ALA A 113 1.91 -16.04 6.55
C ALA A 113 1.26 -15.88 7.91
N THR A 114 0.37 -16.78 8.31
CA THR A 114 -0.21 -16.72 9.66
C THR A 114 0.81 -17.05 10.77
N ILE A 115 1.80 -17.90 10.47
CA ILE A 115 2.90 -18.11 11.45
C ILE A 115 3.70 -16.82 11.53
N CYS A 116 4.01 -16.20 10.39
CA CYS A 116 4.73 -14.90 10.41
C CYS A 116 3.93 -13.88 11.19
N ASP A 117 2.60 -13.89 11.01
CA ASP A 117 1.69 -12.96 11.70
C ASP A 117 1.84 -13.06 13.20
N ASP A 118 2.22 -14.20 13.69
CA ASP A 118 2.44 -14.44 15.13
C ASP A 118 3.91 -14.28 15.51
N ALA A 119 4.69 -13.57 14.69
CA ALA A 119 6.16 -13.47 14.89
C ALA A 119 6.51 -12.88 16.26
N GLU A 120 5.78 -11.89 16.71
CA GLU A 120 6.12 -11.24 18.03
C GLU A 120 6.01 -12.28 19.16
N ALA A 121 4.92 -13.02 19.19
CA ALA A 121 4.76 -14.07 20.23
C ALA A 121 5.82 -15.14 20.11
N LEU A 122 6.23 -15.48 18.88
CA LEU A 122 7.20 -16.57 18.60
C LEU A 122 8.63 -16.11 18.78
N GLY A 123 8.87 -14.81 18.94
CA GLY A 123 10.26 -14.33 19.11
C GLY A 123 11.09 -14.36 17.82
N ILE A 124 10.47 -14.23 16.66
CA ILE A 124 11.17 -14.23 15.36
C ILE A 124 11.08 -12.85 14.69
N ILE A 125 10.82 -11.77 15.41
CA ILE A 125 10.76 -10.43 14.74
C ILE A 125 12.09 -10.09 14.08
N ASP A 126 13.23 -10.41 14.66
CA ASP A 126 14.49 -9.94 14.06
C ASP A 126 14.62 -10.46 12.62
N ASP A 127 14.31 -11.72 12.37
CA ASP A 127 14.52 -12.22 10.98
C ASP A 127 13.33 -11.73 10.12
N VAL A 128 12.15 -11.54 10.69
CA VAL A 128 11.02 -11.00 9.89
C VAL A 128 11.34 -9.58 9.40
N GLN A 129 11.94 -8.77 10.26
CA GLN A 129 12.34 -7.38 9.89
C GLN A 129 13.39 -7.40 8.78
N LEU A 130 14.26 -8.40 8.76
CA LEU A 130 15.38 -8.44 7.78
C LEU A 130 14.95 -9.19 6.51
N PHE A 131 13.75 -9.74 6.44
CA PHE A 131 13.33 -10.60 5.30
C PHE A 131 13.47 -9.84 3.99
N GLU A 132 12.89 -8.65 3.92
CA GLU A 132 12.74 -7.96 2.61
C GLU A 132 14.11 -7.58 2.05
N GLN A 133 15.02 -7.01 2.86
CA GLN A 133 16.31 -6.67 2.22
C GLN A 133 17.02 -7.95 1.74
N ARG A 134 16.96 -9.06 2.52
CA ARG A 134 17.57 -10.33 2.04
C ARG A 134 16.93 -10.79 0.77
N PHE A 135 15.62 -10.73 0.72
CA PHE A 135 14.80 -11.13 -0.47
C PHE A 135 15.19 -10.35 -1.68
N ILE A 136 15.22 -9.02 -1.62
CA ILE A 136 15.61 -8.27 -2.86
C ILE A 136 17.11 -8.39 -3.22
N LEU A 137 17.99 -8.80 -2.31
CA LEU A 137 19.42 -9.08 -2.63
C LEU A 137 19.68 -10.51 -3.04
N GLY A 138 18.70 -11.39 -3.00
CA GLY A 138 18.92 -12.80 -3.36
C GLY A 138 19.68 -13.54 -2.28
N GLU A 139 19.71 -13.06 -1.04
CA GLU A 139 20.34 -13.80 0.08
C GLU A 139 19.34 -14.83 0.61
N GLU A 140 19.77 -16.07 0.78
CA GLU A 140 18.83 -17.10 1.26
C GLU A 140 18.42 -16.73 2.67
N GLN A 141 17.17 -16.90 3.00
CA GLN A 141 16.61 -16.58 4.32
C GLN A 141 17.21 -17.50 5.38
N PRO A 142 17.17 -17.07 6.67
CA PRO A 142 17.89 -17.81 7.70
C PRO A 142 17.17 -19.03 8.26
N THR A 143 15.88 -19.17 8.04
CA THR A 143 15.11 -20.22 8.68
C THR A 143 14.29 -20.97 7.65
N VAL A 144 13.82 -22.15 8.02
CA VAL A 144 12.96 -22.94 7.13
C VAL A 144 11.66 -22.20 6.83
N LEU A 145 11.07 -21.57 7.85
CA LEU A 145 9.84 -20.80 7.66
C LEU A 145 10.08 -19.77 6.60
N LEU A 146 11.13 -18.97 6.73
CA LEU A 146 11.26 -17.80 5.87
C LEU A 146 11.76 -18.19 4.47
N ARG A 147 12.50 -19.26 4.36
CA ARG A 147 12.85 -19.73 2.98
C ARG A 147 11.56 -20.24 2.32
N ALA A 148 10.71 -20.94 3.04
CA ALA A 148 9.44 -21.35 2.41
C ALA A 148 8.55 -20.17 2.03
N PHE A 149 8.52 -19.14 2.85
CA PHE A 149 7.68 -17.98 2.49
C PHE A 149 8.28 -17.30 1.25
N ALA A 150 9.61 -17.09 1.21
CA ALA A 150 10.27 -16.49 0.03
C ALA A 150 9.95 -17.30 -1.23
N ASP A 151 10.00 -18.62 -1.11
CA ASP A 151 9.73 -19.46 -2.31
C ASP A 151 8.26 -19.31 -2.68
N GLN A 152 7.36 -19.19 -1.68
CA GLN A 152 5.94 -19.03 -2.00
C GLN A 152 5.68 -17.70 -2.68
N LEU A 153 6.37 -16.64 -2.29
CA LEU A 153 6.18 -15.32 -2.91
C LEU A 153 6.61 -15.44 -4.36
N LYS A 154 7.72 -16.11 -4.68
CA LYS A 154 8.20 -16.24 -6.07
C LYS A 154 7.19 -17.07 -6.91
N LEU A 155 6.55 -18.05 -6.31
CA LEU A 155 5.59 -18.94 -7.00
C LEU A 155 4.36 -18.16 -7.49
N THR A 156 4.03 -17.04 -6.82
CA THR A 156 2.86 -16.20 -7.22
C THR A 156 2.83 -15.92 -8.71
N TYR A 157 3.99 -15.72 -9.32
CA TYR A 157 4.15 -15.33 -10.74
C TYR A 157 3.76 -16.46 -11.66
N LYS A 158 3.80 -17.70 -11.21
CA LYS A 158 3.32 -18.82 -12.07
C LYS A 158 1.79 -18.79 -12.20
N LEU A 159 1.03 -18.22 -11.23
CA LEU A 159 -0.42 -18.38 -11.15
C LEU A 159 -1.19 -17.06 -11.33
N TYR A 160 -0.56 -15.90 -11.22
CA TYR A 160 -1.26 -14.59 -11.24
C TYR A 160 -0.59 -13.78 -12.35
N HIS A 161 -1.37 -12.89 -12.96
CA HIS A 161 -0.84 -11.93 -13.95
C HIS A 161 0.29 -11.16 -13.27
N PRO A 162 1.36 -10.78 -13.99
CA PRO A 162 2.46 -10.13 -13.30
C PRO A 162 2.08 -8.87 -12.53
N LEU A 163 1.14 -8.08 -12.99
CA LEU A 163 0.75 -6.86 -12.24
C LEU A 163 0.05 -7.29 -10.97
N VAL A 164 -0.79 -8.31 -11.05
CA VAL A 164 -1.51 -8.78 -9.86
C VAL A 164 -0.50 -9.43 -8.90
N ALA A 165 0.39 -10.29 -9.38
CA ALA A 165 1.47 -10.84 -8.53
C ALA A 165 2.30 -9.75 -7.87
N ASN A 166 2.59 -8.69 -8.63
CA ASN A 166 3.36 -7.53 -8.08
C ASN A 166 2.65 -6.99 -6.84
N LEU A 167 1.33 -6.83 -6.93
CA LEU A 167 0.54 -6.24 -5.81
C LEU A 167 0.51 -7.26 -4.66
N ILE A 168 0.33 -8.54 -4.95
CA ILE A 168 0.37 -9.63 -3.91
C ILE A 168 1.69 -9.54 -3.18
N LEU A 169 2.77 -9.36 -3.91
CA LEU A 169 4.09 -9.34 -3.23
C LEU A 169 4.24 -8.11 -2.35
N CYS A 170 3.85 -6.93 -2.82
CA CYS A 170 4.07 -5.74 -1.98
C CYS A 170 3.15 -5.88 -0.75
N SER A 171 1.92 -6.38 -0.90
CA SER A 171 1.04 -6.60 0.26
C SER A 171 1.63 -7.60 1.23
N SER A 172 2.31 -8.62 0.73
CA SER A 172 2.89 -9.70 1.56
C SER A 172 4.10 -9.12 2.29
N LEU A 173 4.93 -8.39 1.63
CA LEU A 173 6.12 -7.75 2.29
C LEU A 173 5.61 -6.79 3.38
N ASN A 174 4.52 -6.04 3.12
CA ASN A 174 3.99 -5.07 4.09
C ASN A 174 3.50 -5.80 5.32
N LEU A 175 3.02 -7.05 5.19
CA LEU A 175 2.66 -7.84 6.39
C LEU A 175 3.84 -7.94 7.34
N LEU A 176 4.98 -8.28 6.78
CA LEU A 176 6.18 -8.53 7.63
C LEU A 176 6.58 -7.22 8.27
N THR A 177 6.59 -6.16 7.47
CA THR A 177 6.99 -4.84 8.01
C THR A 177 6.04 -4.38 9.12
N SER A 178 4.73 -4.44 8.91
CA SER A 178 3.75 -3.88 9.88
C SER A 178 3.77 -4.79 11.12
N THR A 179 3.90 -6.10 10.99
CA THR A 179 4.00 -6.99 12.17
C THR A 179 5.20 -6.57 13.01
N SER A 180 6.30 -6.21 12.35
CA SER A 180 7.52 -5.74 13.03
C SER A 180 7.28 -4.39 13.66
N LEU A 181 6.57 -3.50 12.98
CA LEU A 181 6.31 -2.17 13.59
C LEU A 181 5.53 -2.35 14.90
N VAL A 182 4.46 -3.15 14.90
CA VAL A 182 3.61 -3.25 16.12
C VAL A 182 4.38 -3.91 17.27
N ALA A 183 5.44 -4.64 16.99
CA ALA A 183 6.34 -5.18 18.03
C ALA A 183 7.16 -4.10 18.74
N ARG A 184 7.23 -2.88 18.21
CA ARG A 184 8.03 -1.79 18.80
C ARG A 184 7.25 -1.09 19.92
N LYS A 185 7.94 -0.81 21.00
CA LYS A 185 7.30 -0.08 22.13
C LYS A 185 6.76 1.28 21.70
N GLY A 186 7.51 2.00 20.86
CA GLY A 186 7.10 3.34 20.43
C GLY A 186 5.86 3.31 19.56
N ILE A 187 5.57 2.16 18.97
CA ILE A 187 4.34 2.03 18.18
C ILE A 187 3.19 1.65 19.11
N LYS A 188 3.40 0.75 20.05
CA LYS A 188 2.34 0.43 21.02
C LYS A 188 1.95 1.68 21.83
N GLU A 189 2.89 2.60 22.03
CA GLU A 189 2.65 3.87 22.78
C GLU A 189 1.57 4.69 22.08
N LYS A 190 1.37 4.55 20.76
CA LYS A 190 0.41 5.43 20.03
C LYS A 190 -1.01 5.19 20.53
N GLY A 191 -1.37 3.96 20.84
CA GLY A 191 -2.72 3.62 21.28
C GLY A 191 -2.97 4.21 22.63
N ASP A 192 -1.94 4.32 23.47
CA ASP A 192 -2.13 4.87 24.84
C ASP A 192 -2.11 6.40 24.81
N HIS A 193 -1.49 6.99 23.81
CA HIS A 193 -1.27 8.46 23.72
C HIS A 193 -1.44 8.91 22.26
N PRO A 194 -2.67 8.80 21.71
CA PRO A 194 -2.89 9.13 20.29
C PRO A 194 -2.70 10.62 20.05
N SER A 195 -1.98 10.98 19.01
CA SER A 195 -1.79 12.40 18.58
C SER A 195 -3.06 12.94 17.92
N LYS A 196 -3.48 14.15 18.32
CA LYS A 196 -4.55 14.89 17.63
C LYS A 196 -4.21 15.05 16.13
N GLY A 197 -5.14 14.69 15.29
CA GLY A 197 -4.93 14.66 13.84
C GLY A 197 -4.37 13.35 13.32
N GLY A 198 -4.08 12.36 14.17
CA GLY A 198 -3.42 11.10 13.74
C GLY A 198 -4.36 9.96 13.36
N ASN A 199 -5.63 10.23 13.09
CA ASN A 199 -6.67 9.20 12.99
C ASN A 199 -6.36 8.20 11.88
N TYR A 200 -5.73 8.62 10.80
CA TYR A 200 -5.39 7.70 9.69
C TYR A 200 -4.39 6.61 10.14
N PHE A 201 -3.71 6.75 11.28
CA PHE A 201 -2.67 5.77 11.67
C PHE A 201 -3.28 4.40 11.85
N ALA A 202 -4.50 4.28 12.35
CA ALA A 202 -5.10 2.94 12.56
C ALA A 202 -5.14 2.12 11.27
N TRP A 203 -5.63 2.71 10.22
CA TRP A 203 -5.67 2.05 8.87
C TRP A 203 -4.28 2.04 8.25
N TYR A 204 -3.38 2.97 8.56
CA TYR A 204 -2.00 2.88 8.05
C TYR A 204 -1.40 1.54 8.46
N ILE A 205 -1.55 1.18 9.72
CA ILE A 205 -1.00 -0.11 10.19
C ILE A 205 -1.84 -1.26 9.64
N ARG A 206 -3.17 -1.14 9.63
CA ARG A 206 -4.07 -2.25 9.27
C ARG A 206 -4.02 -2.56 7.78
N GLU A 207 -3.91 -1.54 6.93
CA GLU A 207 -3.78 -1.79 5.47
C GLU A 207 -2.54 -2.66 5.25
N ARG A 208 -1.46 -2.38 5.99
CA ARG A 208 -0.19 -3.10 5.80
C ARG A 208 -0.12 -4.43 6.54
N ASP A 209 -0.69 -4.58 7.73
CA ASP A 209 -0.59 -5.89 8.42
C ASP A 209 -1.64 -6.88 7.88
N GLY A 210 -2.73 -6.40 7.32
CA GLY A 210 -3.90 -7.30 7.11
C GLY A 210 -3.85 -8.14 5.83
N VAL A 211 -2.91 -7.82 4.94
CA VAL A 211 -2.77 -8.52 3.62
C VAL A 211 -4.13 -8.62 2.92
N GLY A 212 -5.02 -7.63 3.11
CA GLY A 212 -6.34 -7.69 2.44
C GLY A 212 -6.21 -7.56 0.92
N GLU A 213 -5.20 -6.81 0.48
CA GLU A 213 -5.02 -6.62 -0.97
C GLU A 213 -4.59 -7.94 -1.59
N ALA A 214 -3.64 -8.65 -1.00
CA ALA A 214 -3.23 -9.97 -1.50
C ALA A 214 -4.43 -10.91 -1.56
N TYR A 215 -5.16 -11.01 -0.46
CA TYR A 215 -6.26 -11.99 -0.39
C TYR A 215 -7.39 -11.63 -1.36
N SER A 216 -7.64 -10.34 -1.57
CA SER A 216 -8.60 -9.88 -2.60
C SER A 216 -8.16 -10.44 -3.96
N TRP A 217 -6.92 -10.16 -4.34
CA TRP A 217 -6.40 -10.61 -5.64
C TRP A 217 -6.27 -12.12 -5.77
N PHE A 218 -6.13 -12.88 -4.68
CA PHE A 218 -6.03 -14.34 -4.78
C PHE A 218 -7.26 -14.92 -5.48
N THR A 219 -8.37 -14.20 -5.40
CA THR A 219 -9.64 -14.63 -6.04
C THR A 219 -9.48 -14.76 -7.55
N PHE A 220 -8.51 -14.07 -8.15
CA PHE A 220 -8.49 -13.85 -9.62
C PHE A 220 -7.17 -14.30 -10.25
N PRO A 221 -6.81 -15.60 -10.13
CA PRO A 221 -5.68 -16.15 -10.85
C PRO A 221 -5.85 -16.11 -12.36
N LYS A 222 -4.75 -16.10 -13.10
CA LYS A 222 -4.77 -15.63 -14.50
C LYS A 222 -5.44 -16.66 -15.43
N ARG A 223 -5.26 -17.97 -15.21
CA ARG A 223 -5.81 -18.94 -16.19
C ARG A 223 -7.35 -18.85 -16.16
N GLN A 224 -7.95 -18.95 -14.98
CA GLN A 224 -9.43 -18.97 -14.85
C GLN A 224 -9.99 -17.56 -14.96
N PHE A 225 -9.26 -16.52 -14.55
CA PHE A 225 -9.74 -15.11 -14.49
C PHE A 225 -8.77 -14.24 -15.26
N PRO A 226 -8.71 -14.34 -16.59
CA PRO A 226 -7.62 -13.72 -17.34
C PRO A 226 -7.69 -12.21 -17.50
N ASN A 227 -8.76 -11.56 -17.03
CA ASN A 227 -8.95 -10.10 -17.22
C ASN A 227 -8.95 -9.36 -15.87
N LEU A 228 -7.78 -8.85 -15.44
CA LEU A 228 -7.66 -8.18 -14.12
C LEU A 228 -8.49 -6.90 -14.09
N ASP A 229 -8.87 -6.36 -15.25
CA ASP A 229 -9.63 -5.11 -15.30
C ASP A 229 -11.06 -5.31 -14.78
N ILE A 230 -11.61 -6.52 -14.84
CA ILE A 230 -13.04 -6.73 -14.52
C ILE A 230 -13.34 -6.41 -13.06
N PRO A 231 -12.61 -6.94 -12.05
CA PRO A 231 -13.01 -6.67 -10.66
C PRO A 231 -12.23 -5.54 -9.95
N ILE A 232 -11.29 -4.88 -10.68
CA ILE A 232 -10.31 -4.00 -9.98
C ILE A 232 -10.95 -2.88 -9.20
N GLU A 233 -12.10 -2.37 -9.62
CA GLU A 233 -12.65 -1.23 -8.90
C GLU A 233 -13.07 -1.62 -7.47
N ALA A 234 -13.34 -2.91 -7.29
CA ALA A 234 -13.77 -3.47 -5.99
C ALA A 234 -12.62 -3.80 -5.04
N ILE A 235 -11.38 -3.83 -5.48
CA ILE A 235 -10.30 -4.38 -4.63
C ILE A 235 -10.22 -3.64 -3.29
N GLU A 236 -10.31 -2.33 -3.27
CA GLU A 236 -10.15 -1.61 -2.00
C GLU A 236 -11.23 -2.09 -1.05
N ASP A 237 -12.46 -2.19 -1.52
CA ASP A 237 -13.57 -2.62 -0.62
C ASP A 237 -13.38 -4.09 -0.21
N MET A 238 -12.85 -4.93 -1.10
CA MET A 238 -12.57 -6.33 -0.76
C MET A 238 -11.46 -6.36 0.32
N THR A 239 -10.49 -5.46 0.22
CA THR A 239 -9.36 -5.40 1.18
C THR A 239 -9.92 -5.02 2.57
N ARG A 240 -10.79 -4.00 2.61
CA ARG A 240 -11.37 -3.50 3.88
C ARG A 240 -12.36 -4.53 4.41
N PHE A 241 -13.14 -5.16 3.55
CA PHE A 241 -14.05 -6.25 4.00
C PHE A 241 -13.26 -7.31 4.73
N ILE A 242 -12.20 -7.75 4.07
CA ILE A 242 -11.35 -8.83 4.64
C ILE A 242 -10.74 -8.37 5.99
N ALA A 243 -10.13 -7.21 6.00
CA ALA A 243 -9.47 -6.72 7.22
C ALA A 243 -10.55 -6.52 8.32
N TYR A 244 -11.64 -5.81 8.03
CA TYR A 244 -12.63 -5.44 9.07
C TYR A 244 -13.41 -6.65 9.60
N LEU A 245 -13.80 -7.58 8.74
CA LEU A 245 -14.50 -8.77 9.23
C LEU A 245 -13.61 -9.47 10.26
N ASN A 246 -12.31 -9.62 9.97
CA ASN A 246 -11.39 -10.26 10.91
C ASN A 246 -11.22 -9.38 12.15
N ASP A 247 -11.14 -8.07 12.01
CA ASP A 247 -10.99 -7.19 13.18
C ASP A 247 -12.16 -7.41 14.14
N VAL A 248 -13.37 -7.56 13.61
CA VAL A 248 -14.52 -7.81 14.55
C VAL A 248 -14.35 -9.19 15.20
N LEU A 249 -14.28 -10.23 14.38
CA LEU A 249 -14.43 -11.60 14.92
C LEU A 249 -13.17 -12.17 15.57
N SER A 250 -12.00 -11.61 15.31
CA SER A 250 -10.74 -12.03 15.98
C SER A 250 -10.41 -11.19 17.21
N PHE A 251 -11.29 -10.27 17.59
CA PHE A 251 -11.07 -9.43 18.78
C PHE A 251 -10.99 -10.34 20.00
N TYR A 252 -11.84 -11.36 20.07
CA TYR A 252 -11.78 -12.27 21.24
C TYR A 252 -10.40 -12.93 21.38
N LYS A 253 -9.93 -13.63 20.37
CA LYS A 253 -8.65 -14.36 20.51
C LYS A 253 -7.47 -13.41 20.67
N GLU A 254 -7.56 -12.22 20.05
CA GLU A 254 -6.47 -11.25 20.22
C GLU A 254 -6.41 -10.74 21.67
N SER A 255 -7.57 -10.55 22.28
CA SER A 255 -7.68 -10.17 23.70
C SER A 255 -7.08 -11.28 24.57
N LEU A 256 -7.36 -12.55 24.27
CA LEU A 256 -6.84 -13.64 25.13
C LEU A 256 -5.33 -13.65 25.09
N ALA A 257 -4.74 -13.38 23.91
CA ALA A 257 -3.29 -13.47 23.76
C ALA A 257 -2.58 -12.17 24.17
N GLY A 258 -3.30 -11.09 24.36
CA GLY A 258 -2.74 -9.77 24.67
C GLY A 258 -2.20 -9.07 23.45
N GLU A 259 -2.70 -9.45 22.28
CA GLU A 259 -2.28 -8.78 21.02
C GLU A 259 -3.33 -7.73 20.68
N THR A 260 -3.44 -6.71 21.52
CA THR A 260 -4.57 -5.77 21.54
C THR A 260 -4.19 -4.41 21.00
N HIS A 261 -2.98 -4.28 20.44
CA HIS A 261 -2.61 -3.01 19.76
C HIS A 261 -3.04 -3.13 18.32
N ASN A 262 -4.33 -3.25 18.14
CA ASN A 262 -4.93 -3.66 16.85
C ASN A 262 -5.77 -2.53 16.25
N TYR A 263 -6.40 -2.79 15.13
CA TYR A 263 -7.23 -1.77 14.45
C TYR A 263 -8.42 -1.30 15.29
N ILE A 264 -9.08 -2.22 15.96
CA ILE A 264 -10.22 -1.86 16.81
C ILE A 264 -9.76 -0.90 17.88
N ASN A 265 -8.73 -1.27 18.62
CA ASN A 265 -8.29 -0.47 19.79
C ASN A 265 -7.66 0.83 19.31
N HIS A 266 -6.92 0.82 18.20
CA HIS A 266 -6.35 2.07 17.67
C HIS A 266 -7.47 3.01 17.23
N THR A 267 -8.48 2.46 16.55
CA THR A 267 -9.66 3.27 16.13
C THR A 267 -10.32 3.87 17.39
N ALA A 268 -10.56 3.05 18.41
CA ALA A 268 -11.23 3.53 19.62
C ALA A 268 -10.39 4.68 20.18
N ALA A 269 -9.07 4.52 20.20
CA ALA A 269 -8.18 5.54 20.82
C ALA A 269 -8.32 6.87 20.05
N TYR A 270 -8.21 6.89 18.73
CA TYR A 270 -8.26 8.16 17.97
C TYR A 270 -9.66 8.75 17.99
N GLU A 271 -10.70 7.93 18.00
CA GLU A 271 -12.11 8.43 17.99
C GLU A 271 -12.58 8.75 19.41
N GLY A 272 -11.81 8.44 20.43
CA GLY A 272 -12.16 8.72 21.83
C GLY A 272 -13.40 7.96 22.26
N VAL A 273 -13.52 6.71 21.85
CA VAL A 273 -14.66 5.82 22.22
C VAL A 273 -14.07 4.52 22.79
N ASP A 274 -14.97 3.62 23.19
CA ASP A 274 -14.50 2.35 23.78
C ASP A 274 -14.42 1.27 22.70
N SER A 275 -13.85 0.12 23.04
CA SER A 275 -13.67 -1.03 22.12
C SER A 275 -15.05 -1.43 21.57
N ASP A 276 -16.07 -1.44 22.40
CA ASP A 276 -17.41 -1.88 21.94
C ASP A 276 -17.88 -0.93 20.85
N ALA A 277 -17.74 0.40 20.99
CA ALA A 277 -18.14 1.37 19.96
C ALA A 277 -17.33 1.14 18.67
N ALA A 278 -16.04 0.88 18.78
CA ALA A 278 -15.23 0.67 17.57
C ALA A 278 -15.62 -0.65 16.91
N LEU A 279 -15.92 -1.69 17.68
CA LEU A 279 -16.41 -2.95 17.11
C LEU A 279 -17.73 -2.71 16.34
N HIS A 280 -18.67 -1.94 16.89
CA HIS A 280 -19.97 -1.76 16.20
C HIS A 280 -19.76 -1.01 14.89
N LYS A 281 -18.93 0.02 14.93
CA LYS A 281 -18.64 0.85 13.73
C LYS A 281 -17.97 -0.05 12.69
N THR A 282 -17.01 -0.85 13.12
CA THR A 282 -16.23 -1.68 12.18
C THR A 282 -17.14 -2.76 11.60
N ALA A 283 -18.06 -3.32 12.38
CA ALA A 283 -19.04 -4.29 11.85
C ALA A 283 -19.86 -3.61 10.74
N GLN A 284 -20.36 -2.40 10.98
CA GLN A 284 -21.16 -1.69 9.94
C GLN A 284 -20.30 -1.36 8.70
N ASP A 285 -19.04 -1.00 8.92
CA ASP A 285 -18.10 -0.73 7.82
C ASP A 285 -17.94 -2.00 6.97
N THR A 286 -17.83 -3.17 7.59
CA THR A 286 -17.73 -4.45 6.85
C THR A 286 -18.95 -4.67 5.95
N ILE A 287 -20.14 -4.45 6.51
CA ILE A 287 -21.40 -4.64 5.75
C ILE A 287 -21.41 -3.65 4.60
N ASP A 288 -21.04 -2.40 4.85
CA ASP A 288 -21.06 -1.37 3.79
C ASP A 288 -20.11 -1.77 2.66
N CYS A 289 -18.91 -2.27 3.01
CA CYS A 289 -17.98 -2.77 1.98
C CYS A 289 -18.60 -3.94 1.20
N ALA A 290 -19.17 -4.93 1.88
CA ALA A 290 -19.74 -6.11 1.19
C ALA A 290 -20.80 -5.66 0.16
N ARG A 291 -21.66 -4.70 0.53
CA ARG A 291 -22.73 -4.24 -0.38
C ARG A 291 -22.13 -3.46 -1.57
N ARG A 292 -21.08 -2.66 -1.36
CA ARG A 292 -20.44 -1.94 -2.48
C ARG A 292 -19.79 -2.93 -3.45
N ILE A 293 -19.17 -3.99 -2.91
CA ILE A 293 -18.50 -4.94 -3.82
C ILE A 293 -19.58 -5.60 -4.70
N GLU A 294 -20.71 -5.94 -4.07
CA GLU A 294 -21.77 -6.62 -4.86
C GLU A 294 -22.33 -5.64 -5.92
N SER A 295 -22.38 -4.35 -5.66
CA SER A 295 -22.81 -3.37 -6.71
C SER A 295 -21.77 -3.30 -7.83
N VAL A 296 -20.48 -3.20 -7.51
CA VAL A 296 -19.44 -3.08 -8.55
C VAL A 296 -19.43 -4.36 -9.40
N LEU A 297 -19.55 -5.52 -8.76
CA LEU A 297 -19.47 -6.78 -9.50
C LEU A 297 -20.79 -7.24 -10.11
N ALA A 298 -21.86 -6.47 -10.01
CA ALA A 298 -23.16 -6.89 -10.61
C ALA A 298 -22.97 -7.06 -12.12
N GLY A 299 -23.32 -8.22 -12.63
CA GLY A 299 -23.24 -8.60 -14.05
C GLY A 299 -21.81 -8.86 -14.54
N LYS A 300 -20.88 -9.16 -13.63
CA LYS A 300 -19.47 -9.47 -14.02
C LYS A 300 -19.22 -10.97 -13.94
N GLY A 301 -20.15 -11.78 -14.45
CA GLY A 301 -19.91 -13.19 -14.75
C GLY A 301 -19.22 -13.94 -13.63
N GLU A 302 -18.18 -14.70 -13.99
CA GLU A 302 -17.50 -15.62 -13.05
C GLU A 302 -16.77 -14.83 -11.98
N TYR A 303 -16.41 -13.57 -12.25
CA TYR A 303 -15.73 -12.71 -11.25
C TYR A 303 -16.65 -12.43 -10.05
N GLU A 304 -17.89 -12.05 -10.35
CA GLU A 304 -18.94 -11.78 -9.35
C GLU A 304 -19.20 -13.06 -8.54
N LYS A 305 -19.36 -14.17 -9.22
CA LYS A 305 -19.70 -15.41 -8.47
C LYS A 305 -18.52 -15.86 -7.60
N ALA A 306 -17.29 -15.76 -8.09
CA ALA A 306 -16.11 -16.19 -7.32
C ALA A 306 -15.93 -15.32 -6.08
N TRP A 307 -16.14 -14.02 -6.20
CA TRP A 307 -16.03 -13.13 -5.01
C TRP A 307 -17.11 -13.53 -4.00
N ARG A 308 -18.34 -13.73 -4.47
CA ARG A 308 -19.45 -14.04 -3.53
C ARG A 308 -19.09 -15.28 -2.69
N LEU A 309 -18.60 -16.34 -3.35
CA LEU A 309 -18.19 -17.59 -2.63
C LEU A 309 -16.98 -17.32 -1.72
N HIS A 310 -16.07 -16.44 -2.11
CA HIS A 310 -14.92 -16.11 -1.23
C HIS A 310 -15.42 -15.43 0.05
N ALA A 311 -16.32 -14.41 -0.05
CA ALA A 311 -16.81 -13.67 1.12
C ALA A 311 -17.59 -14.59 2.06
N SER A 312 -18.47 -15.42 1.48
CA SER A 312 -19.27 -16.33 2.32
C SER A 312 -18.38 -17.36 3.03
N GLY A 313 -17.40 -17.90 2.30
CA GLY A 313 -16.46 -18.90 2.84
C GLY A 313 -15.57 -18.26 3.89
N TYR A 314 -15.24 -16.98 3.70
CA TYR A 314 -14.30 -16.30 4.61
C TYR A 314 -14.94 -16.11 5.99
N LEU A 315 -16.23 -15.80 6.03
CA LEU A 315 -16.95 -15.71 7.33
C LEU A 315 -16.97 -17.10 7.99
N GLN A 316 -17.23 -18.12 7.21
CA GLN A 316 -17.33 -19.49 7.79
C GLN A 316 -15.98 -20.00 8.29
N MET A 317 -14.92 -19.59 7.63
CA MET A 317 -13.56 -19.99 8.10
C MET A 317 -13.34 -19.53 9.54
N HIS A 318 -13.72 -18.29 9.83
CA HIS A 318 -13.58 -17.75 11.20
C HIS A 318 -14.47 -18.55 12.19
N VAL A 319 -15.69 -18.88 11.78
CA VAL A 319 -16.63 -19.68 12.61
C VAL A 319 -15.97 -21.01 12.95
N GLN A 320 -15.31 -21.61 11.99
CA GLN A 320 -14.85 -23.01 12.09
C GLN A 320 -13.50 -23.13 12.79
N ARG A 321 -12.56 -22.24 12.62
CA ARG A 321 -11.17 -22.61 12.90
C ARG A 321 -10.74 -22.24 14.32
N GLY A 322 -9.93 -23.13 14.89
CA GLY A 322 -9.46 -23.00 16.27
C GLY A 322 -8.71 -21.72 16.52
N ARG A 323 -7.99 -21.19 15.50
CA ARG A 323 -7.25 -19.93 15.66
C ARG A 323 -8.15 -18.87 16.31
N TYR A 324 -9.47 -18.85 16.01
CA TYR A 324 -10.36 -17.75 16.42
C TYR A 324 -11.18 -18.10 17.67
N ARG A 325 -11.17 -19.36 18.09
CA ARG A 325 -11.73 -19.78 19.43
C ARG A 325 -13.21 -19.38 19.53
N LEU A 326 -13.98 -19.24 18.43
CA LEU A 326 -15.31 -18.63 18.57
C LEU A 326 -16.29 -19.59 19.24
N ILE A 327 -16.04 -20.88 19.33
CA ILE A 327 -16.91 -21.81 20.11
C ILE A 327 -17.05 -21.23 21.52
N GLU A 328 -16.04 -20.56 22.04
CA GLU A 328 -16.01 -20.01 23.42
C GLU A 328 -16.96 -18.81 23.60
N VAL A 329 -17.32 -18.19 22.47
CA VAL A 329 -18.17 -16.98 22.42
C VAL A 329 -19.60 -17.42 22.05
N GLY A 330 -19.83 -18.65 21.64
CA GLY A 330 -21.15 -19.19 21.30
C GLY A 330 -21.52 -18.99 19.86
N VAL A 331 -20.59 -18.59 18.97
CA VAL A 331 -20.91 -18.43 17.53
C VAL A 331 -20.03 -19.33 16.66
N GLY A 332 -19.03 -19.98 17.20
CA GLY A 332 -18.22 -20.84 16.32
C GLY A 332 -18.39 -22.34 16.60
N ASP A 333 -17.62 -23.14 15.89
CA ASP A 333 -17.71 -24.62 15.90
C ASP A 333 -16.54 -25.18 16.72
N ALA A 334 -16.76 -26.30 17.35
CA ALA A 334 -15.73 -26.92 18.16
C ALA A 334 -14.56 -27.36 17.28
N PRO A 335 -13.34 -27.33 17.83
CA PRO A 335 -12.16 -27.65 17.01
C PRO A 335 -12.02 -29.13 16.71
N ASP A 336 -11.36 -29.48 15.62
CA ASP A 336 -11.00 -30.87 15.30
C ASP A 336 -9.93 -31.35 16.26
N VAL A 337 -9.89 -32.64 16.50
CA VAL A 337 -9.05 -33.25 17.56
C VAL A 337 -7.57 -32.87 17.35
N HIS A 338 -7.11 -32.82 16.10
CA HIS A 338 -5.66 -32.60 15.83
C HIS A 338 -5.33 -31.12 15.83
N GLU A 339 -6.32 -30.22 15.83
CA GLU A 339 -6.08 -28.75 15.71
C GLU A 339 -5.99 -28.07 17.09
N VAL A 340 -6.52 -28.73 18.10
CA VAL A 340 -6.45 -28.21 19.49
C VAL A 340 -4.96 -28.04 19.83
N ILE A 341 -4.61 -26.91 20.41
CA ILE A 341 -3.20 -26.68 20.83
C ILE A 341 -2.85 -27.61 21.99
N LYS A 342 -1.72 -28.30 21.90
CA LYS A 342 -1.27 -29.00 23.13
C LYS A 342 -0.17 -28.12 23.75
N LYS B 17 -1.95 6.64 -25.98
CA LYS B 17 -0.87 6.95 -25.00
C LYS B 17 -0.68 8.46 -24.96
N PRO B 18 -0.14 8.99 -23.85
CA PRO B 18 0.16 10.40 -23.75
C PRO B 18 1.25 10.80 -24.75
N SER B 19 1.19 12.05 -25.21
CA SER B 19 2.26 12.71 -25.98
C SER B 19 3.51 12.84 -25.13
N LEU B 20 4.66 12.96 -25.77
CA LEU B 20 5.93 13.25 -25.06
C LEU B 20 5.88 14.64 -24.47
N PRO B 21 6.64 14.87 -23.37
CA PRO B 21 6.79 16.20 -22.80
C PRO B 21 7.24 17.24 -23.84
N SER B 22 6.77 18.47 -23.69
CA SER B 22 7.07 19.60 -24.59
C SER B 22 7.11 20.90 -23.79
N SER B 23 7.74 21.95 -24.32
CA SER B 23 7.75 23.28 -23.72
C SER B 23 6.98 24.24 -24.62
N GLU B 24 6.49 23.70 -25.74
CA GLU B 24 5.82 24.52 -26.78
C GLU B 24 4.30 24.51 -26.67
N GLY B 25 3.69 25.62 -27.02
CA GLY B 25 2.24 25.83 -27.03
C GLY B 25 1.67 25.73 -25.65
N GLY B 26 0.51 25.12 -25.54
CA GLY B 26 -0.24 25.07 -24.28
C GLY B 26 -1.72 25.09 -24.55
N ASP B 27 -2.52 25.41 -23.55
CA ASP B 27 -3.98 25.46 -23.71
C ASP B 27 -4.45 26.71 -23.00
N PRO B 28 -4.45 27.87 -23.69
CA PRO B 28 -4.78 29.13 -23.02
C PRO B 28 -6.13 29.13 -22.30
N ALA B 29 -7.17 28.46 -22.83
CA ALA B 29 -8.49 28.42 -22.17
C ALA B 29 -8.38 27.65 -20.85
N LEU B 30 -7.72 26.50 -20.87
CA LEU B 30 -7.57 25.72 -19.61
C LEU B 30 -6.75 26.54 -18.61
N ALA B 31 -5.67 27.15 -19.09
CA ALA B 31 -4.83 27.95 -18.19
C ALA B 31 -5.66 29.06 -17.53
N ALA B 32 -6.51 29.74 -18.29
CA ALA B 32 -7.36 30.83 -17.75
C ALA B 32 -8.36 30.28 -16.74
N ARG B 33 -8.89 29.09 -16.98
CA ARG B 33 -9.80 28.40 -16.02
C ARG B 33 -9.04 28.08 -14.73
N LEU B 34 -7.79 27.61 -14.81
CA LEU B 34 -7.08 27.09 -13.63
C LEU B 34 -6.39 28.19 -12.81
N GLN B 35 -6.00 29.32 -13.44
CA GLN B 35 -5.15 30.32 -12.73
C GLN B 35 -5.79 30.75 -11.41
N PRO B 36 -7.10 31.11 -11.36
CA PRO B 36 -7.69 31.55 -10.10
C PRO B 36 -7.64 30.48 -8.99
N LEU B 37 -7.94 29.25 -9.33
CA LEU B 37 -7.86 28.11 -8.39
C LEU B 37 -6.42 27.96 -7.90
N TYR B 38 -5.49 27.96 -8.83
CA TYR B 38 -4.07 27.76 -8.50
C TYR B 38 -3.52 28.90 -7.64
N SER B 39 -3.79 30.16 -7.98
CA SER B 39 -3.29 31.29 -7.14
C SER B 39 -3.90 31.24 -5.74
N ARG B 40 -5.18 30.92 -5.61
CA ARG B 40 -5.84 30.80 -4.29
C ARG B 40 -5.26 29.62 -3.49
N PHE B 41 -4.98 28.54 -4.18
CA PHE B 41 -4.41 27.33 -3.53
C PHE B 41 -3.04 27.64 -2.94
N LEU B 42 -2.19 28.28 -3.71
CA LEU B 42 -0.83 28.64 -3.25
C LEU B 42 -0.91 29.46 -1.95
N THR B 43 -1.86 30.37 -1.84
CA THR B 43 -2.04 31.20 -0.62
C THR B 43 -2.64 30.35 0.51
N ASP B 44 -3.71 29.60 0.21
CA ASP B 44 -4.53 28.96 1.25
C ASP B 44 -3.76 27.78 1.87
N LEU B 45 -2.81 27.22 1.12
CA LEU B 45 -1.98 26.15 1.72
C LEU B 45 -1.27 26.66 2.98
N ASP B 46 -0.84 27.89 2.97
CA ASP B 46 -0.23 28.56 4.15
C ASP B 46 0.87 27.66 4.70
N LEU B 47 1.76 27.24 3.82
CA LEU B 47 2.89 26.38 4.28
C LEU B 47 4.04 27.25 4.79
N GLN B 48 4.30 27.11 6.09
CA GLN B 48 5.37 27.88 6.75
C GLN B 48 6.35 26.91 7.39
N PRO B 49 7.61 27.30 7.58
CA PRO B 49 8.13 28.57 7.15
C PRO B 49 8.52 28.61 5.67
N GLU B 50 9.02 29.74 5.22
CA GLU B 50 9.50 29.95 3.83
C GLU B 50 10.50 28.83 3.54
N TYR B 51 10.47 28.33 2.32
CA TYR B 51 11.37 27.25 1.92
C TYR B 51 12.83 27.71 1.92
N ARG B 52 13.67 26.75 2.24
CA ARG B 52 15.12 27.02 2.30
C ARG B 52 15.89 26.11 1.36
N ARG B 53 17.05 26.59 0.93
CA ARG B 53 18.10 25.78 0.26
C ARG B 53 19.40 25.83 1.03
N HIS B 54 20.26 24.86 0.83
CA HIS B 54 21.55 24.77 1.56
C HIS B 54 22.57 24.03 0.71
N GLU B 55 23.79 24.57 0.57
CA GLU B 55 24.87 23.93 -0.23
C GLU B 55 24.31 23.49 -1.58
N SER B 56 23.65 24.40 -2.30
CA SER B 56 23.00 24.12 -3.60
C SER B 56 24.06 23.77 -4.65
N GLU B 57 25.18 24.49 -4.70
CA GLU B 57 26.20 24.23 -5.76
C GLU B 57 26.88 22.89 -5.48
N LYS B 58 27.19 22.59 -4.22
CA LYS B 58 27.78 21.28 -3.84
C LYS B 58 26.80 20.16 -4.18
N LEU B 59 25.53 20.35 -3.94
CA LEU B 59 24.54 19.31 -4.32
C LEU B 59 24.54 19.12 -5.82
N MET B 60 24.59 20.19 -6.61
CA MET B 60 24.53 20.03 -8.08
C MET B 60 25.79 19.24 -8.51
N GLU B 61 26.96 19.54 -7.97
CA GLU B 61 28.20 18.82 -8.33
C GLU B 61 27.99 17.33 -8.03
N GLU B 62 27.45 17.01 -6.86
CA GLU B 62 27.35 15.60 -6.42
C GLU B 62 26.26 14.88 -7.22
N VAL B 63 25.17 15.57 -7.53
CA VAL B 63 24.07 14.96 -8.31
C VAL B 63 24.60 14.66 -9.70
N LEU B 64 25.26 15.60 -10.37
CA LEU B 64 25.76 15.34 -11.75
C LEU B 64 26.80 14.23 -11.72
N LYS B 65 27.67 14.15 -10.73
CA LYS B 65 28.65 13.05 -10.64
C LYS B 65 27.91 11.72 -10.52
N PHE B 66 26.92 11.63 -9.64
CA PHE B 66 26.22 10.35 -9.45
C PHE B 66 25.46 10.03 -10.75
N ALA B 67 24.83 11.00 -11.36
CA ALA B 67 24.06 10.78 -12.59
C ALA B 67 24.99 10.19 -13.65
N LYS B 68 26.17 10.74 -13.80
CA LYS B 68 27.17 10.20 -14.76
C LYS B 68 27.45 8.73 -14.44
N SER B 69 27.61 8.38 -13.18
CA SER B 69 27.99 7.02 -12.77
C SER B 69 26.90 6.01 -13.15
N THR B 70 25.64 6.43 -13.33
CA THR B 70 24.56 5.47 -13.60
C THR B 70 24.61 5.00 -15.06
N GLY B 71 25.20 5.81 -15.93
CA GLY B 71 25.17 5.58 -17.37
C GLY B 71 23.88 5.99 -18.04
N VAL B 72 22.89 6.45 -17.30
CA VAL B 72 21.59 6.87 -17.91
C VAL B 72 21.83 8.23 -18.60
N PRO B 73 21.55 8.37 -19.91
CA PRO B 73 21.74 9.67 -20.57
C PRO B 73 20.86 10.76 -19.95
N HIS B 74 21.39 11.98 -19.91
CA HIS B 74 20.68 13.17 -19.39
C HIS B 74 21.19 14.40 -20.12
N ASP B 75 21.18 14.32 -21.43
CA ASP B 75 21.69 15.44 -22.26
C ASP B 75 20.85 16.70 -21.99
N LEU B 76 21.51 17.85 -22.09
CA LEU B 76 20.77 19.14 -21.93
C LEU B 76 19.57 19.17 -22.85
N ASN B 77 18.45 19.71 -22.36
CA ASN B 77 17.23 19.94 -23.14
C ASN B 77 16.52 18.64 -23.51
N SER B 78 16.87 17.54 -22.82
CA SER B 78 16.13 16.27 -22.96
C SER B 78 15.07 16.10 -21.87
N HIS B 79 14.12 15.21 -22.12
CA HIS B 79 13.14 14.78 -21.07
C HIS B 79 13.91 14.26 -19.86
N SER B 80 14.93 13.45 -20.06
CA SER B 80 15.73 12.93 -18.94
C SER B 80 16.33 14.06 -18.12
N TYR B 81 16.93 15.05 -18.78
CA TYR B 81 17.50 16.17 -18.00
C TYR B 81 16.41 16.99 -17.33
N GLN B 82 15.26 17.18 -17.97
CA GLN B 82 14.12 17.86 -17.31
C GLN B 82 13.84 17.12 -15.97
N SER B 83 13.81 15.79 -16.01
CA SER B 83 13.48 14.96 -14.81
C SER B 83 14.63 15.04 -13.80
N LEU B 84 15.90 15.08 -14.29
CA LEU B 84 17.05 15.26 -13.37
C LEU B 84 16.91 16.61 -12.66
N MET B 85 16.48 17.67 -13.36
CA MET B 85 16.23 18.98 -12.67
C MET B 85 15.09 18.87 -11.66
N VAL B 86 14.05 18.10 -11.93
CA VAL B 86 13.02 17.88 -10.89
C VAL B 86 13.68 17.23 -9.68
N GLY B 87 14.50 16.19 -9.88
CA GLY B 87 15.09 15.47 -8.75
C GLY B 87 16.05 16.37 -7.99
N TYR B 88 16.88 17.11 -8.71
CA TYR B 88 17.77 18.10 -8.05
C TYR B 88 16.93 19.04 -7.17
N THR B 89 15.93 19.67 -7.75
CA THR B 89 15.13 20.67 -7.04
C THR B 89 14.35 20.03 -5.91
N TYR B 90 13.90 18.79 -6.07
CA TYR B 90 13.23 18.09 -4.95
C TYR B 90 14.12 18.07 -3.74
N ALA B 91 15.37 17.64 -3.92
CA ALA B 91 16.31 17.55 -2.80
C ALA B 91 16.67 18.95 -2.30
N ASP B 92 16.94 19.86 -3.23
CA ASP B 92 17.43 21.22 -2.91
C ASP B 92 16.36 21.88 -2.04
N ASN B 93 15.09 21.87 -2.46
CA ASN B 93 14.00 22.64 -1.81
C ASN B 93 13.44 21.90 -0.60
N CYS B 94 13.36 20.56 -0.64
CA CYS B 94 12.54 19.82 0.35
C CYS B 94 13.38 19.22 1.47
N LEU B 95 14.64 18.98 1.22
CA LEU B 95 15.56 18.31 2.19
C LEU B 95 16.79 19.17 2.38
N PRO B 96 16.67 20.50 2.53
CA PRO B 96 17.86 21.35 2.47
C PRO B 96 18.95 21.00 3.47
N TYR B 97 18.59 20.68 4.71
CA TYR B 97 19.57 20.48 5.80
C TYR B 97 19.83 19.01 6.09
N HIS B 98 19.36 18.13 5.20
CA HIS B 98 19.65 16.68 5.28
C HIS B 98 21.08 16.37 4.87
N ASP B 99 21.60 15.21 5.27
CA ASP B 99 22.93 14.79 4.84
C ASP B 99 23.01 14.83 3.31
N ILE B 100 24.10 15.32 2.76
CA ILE B 100 24.18 15.43 1.28
C ILE B 100 24.03 14.04 0.66
N GLU B 101 24.48 12.95 1.30
CA GLU B 101 24.30 11.62 0.65
C GLU B 101 22.82 11.28 0.51
N VAL B 102 22.00 11.68 1.48
CA VAL B 102 20.55 11.49 1.41
C VAL B 102 19.96 12.44 0.35
N LYS B 103 20.42 13.70 0.28
CA LYS B 103 19.86 14.63 -0.71
C LYS B 103 20.14 14.08 -2.13
N VAL B 104 21.38 13.59 -2.36
CA VAL B 104 21.75 13.02 -3.69
C VAL B 104 20.86 11.80 -3.93
N TYR B 105 20.74 10.92 -2.93
CA TYR B 105 19.90 9.69 -3.09
C TYR B 105 18.50 10.08 -3.57
N VAL B 106 17.87 11.06 -2.92
CA VAL B 106 16.50 11.44 -3.28
C VAL B 106 16.52 12.08 -4.68
N ALA B 107 17.49 12.93 -4.98
CA ALA B 107 17.49 13.56 -6.34
C ALA B 107 17.59 12.51 -7.44
N ILE B 108 18.46 11.53 -7.24
CA ILE B 108 18.70 10.52 -8.28
C ILE B 108 17.48 9.60 -8.33
N TYR B 109 16.95 9.15 -7.19
CA TYR B 109 15.70 8.38 -7.18
C TYR B 109 14.61 9.12 -7.96
N THR B 110 14.49 10.43 -7.74
CA THR B 110 13.38 11.20 -8.34
C THR B 110 13.60 11.31 -9.84
N TRP B 111 14.82 11.54 -10.27
CA TRP B 111 15.16 11.54 -11.72
C TRP B 111 14.69 10.26 -12.40
N LEU B 112 15.11 9.14 -11.85
CA LEU B 112 14.82 7.84 -12.51
C LEU B 112 13.31 7.54 -12.40
N ALA B 113 12.70 7.78 -11.23
CA ALA B 113 11.31 7.45 -11.01
C ALA B 113 10.36 8.33 -11.83
N THR B 114 10.71 9.57 -12.07
CA THR B 114 9.85 10.43 -12.91
C THR B 114 9.95 10.03 -14.41
N ILE B 115 11.10 9.48 -14.81
CA ILE B 115 11.22 8.92 -16.20
C ILE B 115 10.32 7.69 -16.25
N CYS B 116 10.40 6.82 -15.24
CA CYS B 116 9.51 5.64 -15.19
C CYS B 116 8.06 6.09 -15.23
N ASP B 117 7.73 7.17 -14.50
CA ASP B 117 6.35 7.69 -14.43
C ASP B 117 5.80 8.02 -15.81
N ASP B 118 6.69 8.38 -16.71
CA ASP B 118 6.35 8.69 -18.10
C ASP B 118 6.45 7.47 -19.02
N ALA B 119 6.43 6.26 -18.45
CA ALA B 119 6.70 5.04 -19.23
C ALA B 119 5.72 4.87 -20.38
N GLU B 120 4.46 5.18 -20.19
CA GLU B 120 3.45 4.98 -21.28
C GLU B 120 3.81 5.86 -22.48
N ALA B 121 4.09 7.13 -22.24
CA ALA B 121 4.46 8.02 -23.36
C ALA B 121 5.76 7.55 -24.02
N LEU B 122 6.69 7.02 -23.24
CA LEU B 122 8.01 6.61 -23.73
C LEU B 122 7.98 5.23 -24.39
N GLY B 123 6.87 4.48 -24.28
CA GLY B 123 6.81 3.14 -24.89
C GLY B 123 7.63 2.10 -24.14
N ILE B 124 7.82 2.26 -22.84
CA ILE B 124 8.63 1.29 -22.05
C ILE B 124 7.76 0.54 -21.04
N ILE B 125 6.47 0.47 -21.24
CA ILE B 125 5.59 -0.26 -20.28
C ILE B 125 6.02 -1.71 -20.16
N ASP B 126 6.42 -2.37 -21.23
CA ASP B 126 6.73 -3.80 -21.10
C ASP B 126 7.84 -3.98 -20.06
N ASP B 127 8.83 -3.10 -20.04
CA ASP B 127 10.00 -3.21 -19.13
C ASP B 127 9.55 -2.91 -17.68
N VAL B 128 8.75 -1.88 -17.52
CA VAL B 128 8.28 -1.48 -16.15
C VAL B 128 7.39 -2.59 -15.57
N GLN B 129 6.56 -3.20 -16.45
CA GLN B 129 5.66 -4.29 -15.98
C GLN B 129 6.49 -5.47 -15.47
N LEU B 130 7.64 -5.72 -16.07
CA LEU B 130 8.39 -6.94 -15.70
C LEU B 130 9.46 -6.61 -14.68
N PHE B 131 9.62 -5.37 -14.25
CA PHE B 131 10.70 -4.97 -13.32
C PHE B 131 10.65 -5.78 -12.05
N GLU B 132 9.54 -5.84 -11.40
CA GLU B 132 9.50 -6.44 -10.03
C GLU B 132 9.82 -7.93 -10.04
N GLN B 133 9.28 -8.72 -10.97
CA GLN B 133 9.66 -10.14 -10.90
C GLN B 133 11.16 -10.30 -11.17
N ARG B 134 11.73 -9.55 -12.14
CA ARG B 134 13.19 -9.63 -12.36
C ARG B 134 13.92 -9.24 -11.09
N PHE B 135 13.50 -8.18 -10.46
CA PHE B 135 14.15 -7.64 -9.24
C PHE B 135 14.14 -8.63 -8.12
N ILE B 136 13.00 -9.22 -7.82
CA ILE B 136 12.98 -10.25 -6.72
C ILE B 136 13.69 -11.56 -7.09
N LEU B 137 13.93 -11.85 -8.37
CA LEU B 137 14.71 -13.06 -8.78
C LEU B 137 16.18 -12.74 -8.95
N GLY B 138 16.61 -11.50 -8.82
CA GLY B 138 18.02 -11.16 -8.98
C GLY B 138 18.42 -11.24 -10.45
N GLU B 139 17.46 -11.11 -11.37
CA GLU B 139 17.75 -11.03 -12.83
C GLU B 139 18.10 -9.60 -13.21
N GLU B 140 19.01 -9.48 -14.16
CA GLU B 140 19.39 -8.12 -14.57
C GLU B 140 18.18 -7.43 -15.16
N GLN B 141 18.06 -6.11 -14.97
CA GLN B 141 17.08 -5.35 -15.74
C GLN B 141 17.56 -5.08 -17.16
N PRO B 142 16.61 -4.90 -18.11
CA PRO B 142 16.97 -4.92 -19.52
C PRO B 142 17.48 -3.60 -20.11
N THR B 143 17.37 -2.53 -19.34
CA THR B 143 17.75 -1.18 -19.78
C THR B 143 18.56 -0.50 -18.71
N VAL B 144 19.35 0.47 -19.13
CA VAL B 144 20.20 1.23 -18.19
C VAL B 144 19.32 1.98 -17.20
N LEU B 145 18.20 2.52 -17.67
CA LEU B 145 17.26 3.19 -16.73
C LEU B 145 16.87 2.24 -15.63
N LEU B 146 16.44 1.05 -15.94
CA LEU B 146 15.89 0.18 -14.90
C LEU B 146 17.01 -0.47 -14.07
N ARG B 147 18.18 -0.67 -14.64
CA ARG B 147 19.31 -1.16 -13.80
C ARG B 147 19.65 -0.06 -12.76
N ALA B 148 19.64 1.20 -13.20
CA ALA B 148 19.92 2.27 -12.24
C ALA B 148 18.80 2.38 -11.19
N PHE B 149 17.56 2.16 -11.57
CA PHE B 149 16.48 2.27 -10.58
C PHE B 149 16.62 1.12 -9.58
N ALA B 150 16.88 -0.11 -10.07
CA ALA B 150 17.07 -1.28 -9.18
C ALA B 150 18.22 -1.00 -8.21
N ASP B 151 19.28 -0.44 -8.70
CA ASP B 151 20.45 -0.16 -7.80
C ASP B 151 20.05 0.91 -6.80
N GLN B 152 19.26 1.91 -7.24
CA GLN B 152 18.82 2.97 -6.32
C GLN B 152 17.93 2.36 -5.24
N LEU B 153 17.08 1.39 -5.58
CA LEU B 153 16.15 0.83 -4.58
C LEU B 153 17.01 0.11 -3.53
N LYS B 154 18.03 -0.62 -3.94
CA LYS B 154 18.92 -1.37 -3.01
C LYS B 154 19.69 -0.40 -2.10
N LEU B 155 20.07 0.78 -2.60
CA LEU B 155 20.84 1.78 -1.84
C LEU B 155 20.00 2.31 -0.65
N THR B 156 18.67 2.27 -0.77
CA THR B 156 17.75 2.79 0.29
C THR B 156 18.17 2.26 1.66
N TYR B 157 18.59 1.00 1.74
CA TYR B 157 18.94 0.33 3.01
C TYR B 157 20.21 0.89 3.60
N LYS B 158 21.08 1.54 2.85
CA LYS B 158 22.21 2.22 3.51
C LYS B 158 21.78 3.47 4.28
N LEU B 159 20.64 4.11 3.95
CA LEU B 159 20.31 5.46 4.44
C LEU B 159 19.09 5.46 5.35
N TYR B 160 18.25 4.43 5.27
CA TYR B 160 16.94 4.42 5.97
C TYR B 160 16.92 3.17 6.85
N HIS B 161 16.18 3.26 7.95
CA HIS B 161 15.97 2.11 8.86
C HIS B 161 15.36 1.00 8.02
N PRO B 162 15.67 -0.30 8.28
CA PRO B 162 15.13 -1.34 7.43
C PRO B 162 13.62 -1.36 7.29
N LEU B 163 12.87 -0.99 8.31
CA LEU B 163 11.39 -1.03 8.17
C LEU B 163 10.99 0.12 7.27
N VAL B 164 11.64 1.26 7.40
CA VAL B 164 11.31 2.44 6.58
C VAL B 164 11.71 2.10 5.11
N ALA B 165 12.94 1.63 4.90
CA ALA B 165 13.38 1.20 3.57
C ALA B 165 12.42 0.16 2.97
N ASN B 166 11.97 -0.78 3.78
CA ASN B 166 10.98 -1.77 3.30
C ASN B 166 9.76 -1.06 2.66
N LEU B 167 9.23 -0.05 3.39
CA LEU B 167 8.03 0.68 2.94
C LEU B 167 8.35 1.49 1.69
N ILE B 168 9.51 2.15 1.65
CA ILE B 168 9.96 2.91 0.44
C ILE B 168 9.97 1.92 -0.73
N LEU B 169 10.48 0.73 -0.52
CA LEU B 169 10.57 -0.19 -1.69
C LEU B 169 9.20 -0.60 -2.19
N CYS B 170 8.31 -0.96 -1.27
CA CYS B 170 6.98 -1.42 -1.72
C CYS B 170 6.31 -0.24 -2.42
N SER B 171 6.40 0.99 -1.88
CA SER B 171 5.80 2.17 -2.54
C SER B 171 6.40 2.40 -3.90
N SER B 172 7.70 2.15 -4.04
CA SER B 172 8.43 2.32 -5.33
C SER B 172 7.97 1.28 -6.35
N LEU B 173 7.89 0.06 -5.93
CA LEU B 173 7.39 -1.04 -6.82
C LEU B 173 5.96 -0.71 -7.24
N ASN B 174 5.11 -0.21 -6.34
CA ASN B 174 3.70 0.06 -6.68
C ASN B 174 3.64 1.16 -7.74
N LEU B 175 4.57 2.09 -7.76
CA LEU B 175 4.64 3.10 -8.86
C LEU B 175 4.66 2.40 -10.20
N LEU B 176 5.53 1.42 -10.32
CA LEU B 176 5.74 0.79 -11.65
C LEU B 176 4.46 0.03 -12.03
N THR B 177 3.92 -0.67 -11.03
CA THR B 177 2.70 -1.45 -11.26
C THR B 177 1.53 -0.54 -11.64
N SER B 178 1.29 0.57 -10.93
CA SER B 178 0.10 1.41 -11.17
C SER B 178 0.31 2.13 -12.51
N THR B 179 1.54 2.56 -12.82
CA THR B 179 1.80 3.20 -14.13
C THR B 179 1.40 2.21 -15.22
N SER B 180 1.72 0.92 -15.01
CA SER B 180 1.43 -0.12 -16.03
C SER B 180 -0.06 -0.33 -16.11
N LEU B 181 -0.74 -0.35 -14.97
CA LEU B 181 -2.22 -0.55 -14.98
C LEU B 181 -2.86 0.57 -15.79
N VAL B 182 -2.51 1.84 -15.54
CA VAL B 182 -3.22 2.95 -16.26
C VAL B 182 -2.95 2.92 -17.77
N ALA B 183 -1.88 2.27 -18.22
CA ALA B 183 -1.58 2.06 -19.66
C ALA B 183 -2.56 1.07 -20.29
N ARG B 184 -3.36 0.32 -19.51
CA ARG B 184 -4.29 -0.69 -20.07
C ARG B 184 -5.60 -0.01 -20.47
N LYS B 185 -6.14 -0.39 -21.63
CA LYS B 185 -7.45 0.17 -22.08
C LYS B 185 -8.59 -0.12 -21.08
N GLY B 186 -8.60 -1.30 -20.48
CA GLY B 186 -9.68 -1.71 -19.57
C GLY B 186 -9.64 -0.90 -18.29
N ILE B 187 -8.49 -0.33 -17.96
CA ILE B 187 -8.39 0.56 -16.80
C ILE B 187 -8.79 1.99 -17.18
N LYS B 188 -8.41 2.46 -18.37
CA LYS B 188 -8.88 3.78 -18.84
C LYS B 188 -10.41 3.77 -18.97
N GLU B 189 -10.99 2.63 -19.29
CA GLU B 189 -12.47 2.48 -19.46
C GLU B 189 -13.19 2.81 -18.15
N LYS B 190 -12.57 2.66 -16.96
CA LYS B 190 -13.30 2.90 -15.68
C LYS B 190 -13.73 4.37 -15.58
N GLY B 191 -12.89 5.29 -16.01
CA GLY B 191 -13.19 6.72 -15.89
C GLY B 191 -14.37 7.10 -16.76
N ASP B 192 -14.54 6.41 -17.89
CA ASP B 192 -15.64 6.66 -18.85
C ASP B 192 -16.94 6.02 -18.36
N HIS B 193 -16.84 4.88 -17.67
CA HIS B 193 -17.97 4.02 -17.26
C HIS B 193 -17.76 3.58 -15.80
N PRO B 194 -17.77 4.51 -14.82
CA PRO B 194 -17.52 4.17 -13.42
C PRO B 194 -18.60 3.26 -12.87
N SER B 195 -18.21 2.19 -12.19
CA SER B 195 -19.18 1.27 -11.52
C SER B 195 -19.74 1.90 -10.25
N LYS B 196 -21.06 1.74 -10.04
CA LYS B 196 -21.71 2.14 -8.78
C LYS B 196 -21.03 1.38 -7.61
N GLY B 197 -20.66 2.12 -6.60
CA GLY B 197 -19.94 1.62 -5.42
C GLY B 197 -18.43 1.52 -5.62
N GLY B 198 -17.89 1.93 -6.76
CA GLY B 198 -16.45 1.86 -7.05
C GLY B 198 -15.61 3.05 -6.64
N ASN B 199 -16.10 3.93 -5.77
CA ASN B 199 -15.48 5.25 -5.55
C ASN B 199 -14.05 5.11 -5.00
N TYR B 200 -13.76 4.07 -4.23
CA TYR B 200 -12.40 3.88 -3.70
C TYR B 200 -11.39 3.66 -4.84
N PHE B 201 -11.80 3.33 -6.05
CA PHE B 201 -10.82 3.00 -7.12
C PHE B 201 -9.92 4.21 -7.41
N ALA B 202 -10.41 5.43 -7.34
CA ALA B 202 -9.55 6.59 -7.64
C ALA B 202 -8.29 6.60 -6.75
N TRP B 203 -8.47 6.47 -5.47
CA TRP B 203 -7.34 6.41 -4.49
C TRP B 203 -6.64 5.05 -4.57
N TYR B 204 -7.27 3.95 -4.96
CA TYR B 204 -6.57 2.68 -5.16
C TYR B 204 -5.43 2.91 -6.14
N ILE B 205 -5.73 3.53 -7.27
CA ILE B 205 -4.68 3.77 -8.29
C ILE B 205 -3.71 4.85 -7.77
N ARG B 206 -4.22 5.91 -7.14
CA ARG B 206 -3.37 7.08 -6.79
C ARG B 206 -2.46 6.79 -5.62
N GLU B 207 -2.91 5.97 -4.67
CA GLU B 207 -2.03 5.55 -3.55
C GLU B 207 -0.81 4.82 -4.14
N ARG B 208 -1.03 4.02 -5.17
CA ARG B 208 0.05 3.19 -5.74
C ARG B 208 0.86 3.94 -6.80
N ASP B 209 0.29 4.87 -7.55
CA ASP B 209 1.15 5.55 -8.55
C ASP B 209 1.88 6.76 -7.96
N GLY B 210 1.38 7.29 -6.85
CA GLY B 210 1.85 8.61 -6.38
C GLY B 210 3.13 8.59 -5.57
N VAL B 211 3.56 7.43 -5.14
CA VAL B 211 4.77 7.22 -4.31
C VAL B 211 4.75 8.16 -3.12
N GLY B 212 3.57 8.51 -2.66
CA GLY B 212 3.49 9.45 -1.53
C GLY B 212 4.07 8.87 -0.25
N GLU B 213 3.94 7.59 -0.05
CA GLU B 213 4.50 6.96 1.16
C GLU B 213 6.03 6.99 1.12
N ALA B 214 6.67 6.69 -0.01
CA ALA B 214 8.15 6.78 -0.11
C ALA B 214 8.62 8.21 0.17
N TYR B 215 7.98 9.18 -0.49
CA TYR B 215 8.46 10.58 -0.34
C TYR B 215 8.22 11.12 1.08
N SER B 216 7.17 10.66 1.75
CA SER B 216 6.94 10.97 3.18
C SER B 216 8.15 10.48 3.98
N TRP B 217 8.44 9.19 3.85
CA TRP B 217 9.54 8.56 4.61
C TRP B 217 10.91 9.11 4.21
N PHE B 218 11.12 9.63 2.99
CA PHE B 218 12.45 10.18 2.64
C PHE B 218 12.86 11.27 3.61
N THR B 219 11.88 11.96 4.20
CA THR B 219 12.14 13.02 5.21
C THR B 219 12.97 12.50 6.37
N PHE B 220 12.94 11.20 6.66
CA PHE B 220 13.39 10.69 7.99
C PHE B 220 14.45 9.60 7.83
N PRO B 221 15.61 9.92 7.19
CA PRO B 221 16.74 8.98 7.17
C PRO B 221 17.30 8.67 8.55
N LYS B 222 17.96 7.53 8.68
CA LYS B 222 18.18 6.91 10.00
C LYS B 222 19.27 7.68 10.77
N ARG B 223 20.30 8.23 10.13
CA ARG B 223 21.39 8.83 10.94
C ARG B 223 20.86 10.09 11.63
N GLN B 224 20.20 10.98 10.89
CA GLN B 224 19.71 12.29 11.40
C GLN B 224 18.39 12.12 12.15
N PHE B 225 17.57 11.13 11.79
CA PHE B 225 16.20 10.93 12.34
C PHE B 225 16.09 9.49 12.82
N PRO B 226 16.80 9.10 13.90
CA PRO B 226 16.91 7.69 14.24
C PRO B 226 15.67 7.02 14.83
N ASN B 227 14.58 7.75 15.08
CA ASN B 227 13.39 7.18 15.73
C ASN B 227 12.16 7.26 14.80
N LEU B 228 11.91 6.18 14.06
CA LEU B 228 10.78 6.17 13.08
C LEU B 228 9.42 6.31 13.79
N ASP B 229 9.37 5.99 15.08
CA ASP B 229 8.12 6.10 15.86
C ASP B 229 7.65 7.54 15.94
N ILE B 230 8.57 8.52 15.87
CA ILE B 230 8.17 9.92 16.17
C ILE B 230 7.16 10.46 15.16
N PRO B 231 7.38 10.36 13.82
CA PRO B 231 6.42 10.96 12.88
C PRO B 231 5.37 10.01 12.29
N ILE B 232 5.45 8.70 12.67
CA ILE B 232 4.68 7.70 11.90
C ILE B 232 3.19 7.94 11.85
N GLU B 233 2.59 8.59 12.83
CA GLU B 233 1.13 8.73 12.76
C GLU B 233 0.72 9.65 11.60
N ALA B 234 1.64 10.51 11.20
CA ALA B 234 1.42 11.52 10.15
C ALA B 234 1.66 10.97 8.75
N ILE B 235 2.23 9.81 8.57
CA ILE B 235 2.65 9.38 7.23
C ILE B 235 1.47 9.35 6.25
N GLU B 236 0.33 8.84 6.65
CA GLU B 236 -0.79 8.74 5.70
C GLU B 236 -1.15 10.14 5.23
N ASP B 237 -1.26 11.11 6.15
CA ASP B 237 -1.60 12.49 5.71
C ASP B 237 -0.45 13.11 4.92
N MET B 238 0.81 12.77 5.19
CA MET B 238 1.90 13.28 4.34
C MET B 238 1.82 12.65 2.93
N THR B 239 1.40 11.41 2.86
CA THR B 239 1.22 10.68 1.59
C THR B 239 0.15 11.38 0.74
N ARG B 240 -0.99 11.64 1.38
CA ARG B 240 -2.11 12.29 0.66
C ARG B 240 -1.72 13.73 0.32
N PHE B 241 -1.12 14.46 1.27
CA PHE B 241 -0.65 15.84 0.96
C PHE B 241 0.18 15.84 -0.29
N ILE B 242 1.15 14.94 -0.32
CA ILE B 242 2.04 14.89 -1.52
C ILE B 242 1.25 14.55 -2.78
N ALA B 243 0.44 13.52 -2.73
CA ALA B 243 -0.33 13.09 -3.92
C ALA B 243 -1.29 14.23 -4.34
N TYR B 244 -2.09 14.76 -3.42
CA TYR B 244 -3.16 15.71 -3.76
C TYR B 244 -2.57 17.06 -4.22
N LEU B 245 -1.52 17.57 -3.59
CA LEU B 245 -0.97 18.87 -4.05
C LEU B 245 -0.54 18.71 -5.52
N ASN B 246 0.09 17.60 -5.86
CA ASN B 246 0.50 17.37 -7.25
C ASN B 246 -0.73 17.22 -8.11
N ASP B 247 -1.74 16.48 -7.69
CA ASP B 247 -2.95 16.29 -8.50
C ASP B 247 -3.54 17.65 -8.86
N VAL B 248 -3.60 18.57 -7.92
CA VAL B 248 -4.10 19.92 -8.30
C VAL B 248 -3.16 20.58 -9.30
N LEU B 249 -1.91 20.78 -8.95
CA LEU B 249 -1.02 21.68 -9.75
C LEU B 249 -0.44 21.05 -11.00
N SER B 250 -0.50 19.73 -11.12
CA SER B 250 -0.05 19.01 -12.36
C SER B 250 -1.20 18.72 -13.32
N PHE B 251 -2.40 19.14 -12.98
CA PHE B 251 -3.55 18.91 -13.88
C PHE B 251 -3.32 19.62 -15.22
N TYR B 252 -2.74 20.82 -15.20
CA TYR B 252 -2.45 21.52 -16.48
C TYR B 252 -1.54 20.69 -17.39
N LYS B 253 -0.36 20.32 -16.89
CA LYS B 253 0.58 19.60 -17.76
C LYS B 253 0.06 18.21 -18.16
N GLU B 254 -0.70 17.58 -17.26
CA GLU B 254 -1.26 16.27 -17.62
C GLU B 254 -2.31 16.39 -18.72
N SER B 255 -3.09 17.48 -18.70
CA SER B 255 -4.07 17.81 -19.75
C SER B 255 -3.35 18.02 -21.09
N LEU B 256 -2.25 18.76 -21.07
CA LEU B 256 -1.52 19.06 -22.33
C LEU B 256 -1.04 17.76 -22.96
N ALA B 257 -0.56 16.81 -22.14
CA ALA B 257 0.02 15.57 -22.67
C ALA B 257 -1.07 14.53 -22.95
N GLY B 258 -2.30 14.70 -22.51
CA GLY B 258 -3.38 13.72 -22.65
C GLY B 258 -3.28 12.60 -21.63
N GLU B 259 -2.58 12.84 -20.53
CA GLU B 259 -2.45 11.84 -19.44
C GLU B 259 -3.52 12.16 -18.36
N THR B 260 -4.78 12.02 -18.74
CA THR B 260 -5.93 12.58 -18.01
C THR B 260 -6.73 11.49 -17.33
N HIS B 261 -6.24 10.23 -17.35
CA HIS B 261 -6.90 9.16 -16.57
C HIS B 261 -6.31 9.18 -15.17
N ASN B 262 -6.50 10.28 -14.49
CA ASN B 262 -5.78 10.58 -13.24
C ASN B 262 -6.72 10.61 -12.05
N TYR B 263 -6.19 10.97 -10.91
CA TYR B 263 -7.01 11.04 -9.67
C TYR B 263 -8.12 12.08 -9.74
N ILE B 264 -7.82 13.24 -10.27
CA ILE B 264 -8.84 14.29 -10.38
C ILE B 264 -9.99 13.78 -11.24
N ASN B 265 -9.71 13.25 -12.40
CA ASN B 265 -10.78 12.87 -13.37
C ASN B 265 -11.47 11.61 -12.87
N HIS B 266 -10.75 10.68 -12.25
CA HIS B 266 -11.41 9.49 -11.67
C HIS B 266 -12.35 9.90 -10.54
N THR B 267 -11.89 10.79 -9.67
CA THR B 267 -12.75 11.30 -8.58
C THR B 267 -14.02 11.98 -9.17
N ALA B 268 -13.82 12.82 -10.19
CA ALA B 268 -14.96 13.52 -10.82
C ALA B 268 -15.90 12.45 -11.38
N ALA B 269 -15.39 11.42 -12.03
CA ALA B 269 -16.26 10.38 -12.60
C ALA B 269 -17.08 9.69 -11.50
N TYR B 270 -16.48 9.21 -10.40
CA TYR B 270 -17.24 8.47 -9.37
C TYR B 270 -18.17 9.37 -8.58
N GLU B 271 -17.83 10.66 -8.40
CA GLU B 271 -18.66 11.59 -7.58
C GLU B 271 -19.72 12.25 -8.48
N GLY B 272 -19.64 12.05 -9.80
CA GLY B 272 -20.61 12.61 -10.75
C GLY B 272 -20.53 14.13 -10.88
N VAL B 273 -19.32 14.68 -10.74
CA VAL B 273 -19.07 16.14 -10.86
C VAL B 273 -18.05 16.38 -11.96
N ASP B 274 -17.79 17.65 -12.22
CA ASP B 274 -16.79 18.01 -13.25
C ASP B 274 -15.36 18.11 -12.67
N SER B 275 -14.36 18.24 -13.54
CA SER B 275 -12.94 18.34 -13.13
C SER B 275 -12.77 19.52 -12.18
N ASP B 276 -13.43 20.64 -12.45
CA ASP B 276 -13.24 21.83 -11.59
C ASP B 276 -13.72 21.51 -10.18
N ALA B 277 -14.85 20.80 -10.01
CA ALA B 277 -15.37 20.42 -8.68
C ALA B 277 -14.33 19.52 -7.99
N ALA B 278 -13.80 18.55 -8.72
CA ALA B 278 -12.84 17.58 -8.12
C ALA B 278 -11.56 18.33 -7.78
N LEU B 279 -11.10 19.28 -8.60
CA LEU B 279 -9.92 20.09 -8.26
C LEU B 279 -10.19 20.88 -6.97
N HIS B 280 -11.36 21.50 -6.81
CA HIS B 280 -11.62 22.32 -5.60
C HIS B 280 -11.61 21.42 -4.36
N LYS B 281 -12.26 20.29 -4.44
CA LYS B 281 -12.32 19.34 -3.30
C LYS B 281 -10.89 18.87 -2.97
N THR B 282 -10.12 18.52 -3.99
CA THR B 282 -8.77 17.94 -3.77
C THR B 282 -7.91 19.06 -3.16
N ALA B 283 -8.06 20.31 -3.59
CA ALA B 283 -7.31 21.43 -2.98
C ALA B 283 -7.63 21.51 -1.48
N GLN B 284 -8.91 21.47 -1.11
CA GLN B 284 -9.29 21.50 0.32
C GLN B 284 -8.75 20.27 1.07
N ASP B 285 -8.77 19.12 0.42
CA ASP B 285 -8.24 17.88 1.03
C ASP B 285 -6.75 18.07 1.33
N THR B 286 -6.00 18.71 0.43
CA THR B 286 -4.58 19.00 0.65
C THR B 286 -4.36 19.84 1.90
N ILE B 287 -5.14 20.92 2.01
CA ILE B 287 -5.00 21.87 3.15
C ILE B 287 -5.34 21.11 4.41
N ASP B 288 -6.40 20.31 4.38
CA ASP B 288 -6.81 19.55 5.58
C ASP B 288 -5.71 18.61 6.02
N CYS B 289 -5.09 17.92 5.05
CA CYS B 289 -3.94 17.05 5.37
C CYS B 289 -2.78 17.85 5.97
N ALA B 290 -2.41 18.98 5.38
CA ALA B 290 -1.29 19.80 5.89
C ALA B 290 -1.53 20.19 7.35
N ARG B 291 -2.76 20.57 7.69
CA ARG B 291 -3.07 21.03 9.07
C ARG B 291 -2.96 19.84 10.03
N ARG B 292 -3.48 18.67 9.64
CA ARG B 292 -3.41 17.49 10.52
C ARG B 292 -1.96 17.09 10.78
N ILE B 293 -1.11 17.19 9.76
CA ILE B 293 0.32 16.80 9.93
C ILE B 293 0.94 17.74 10.96
N GLU B 294 0.64 19.03 10.83
CA GLU B 294 1.22 20.02 11.79
C GLU B 294 0.65 19.76 13.19
N SER B 295 -0.57 19.27 13.35
CA SER B 295 -1.08 18.90 14.71
C SER B 295 -0.30 17.70 15.26
N VAL B 296 -0.11 16.65 14.45
CA VAL B 296 0.51 15.40 14.94
C VAL B 296 1.97 15.71 15.28
N LEU B 297 2.64 16.54 14.47
CA LEU B 297 4.06 16.82 14.69
C LEU B 297 4.32 17.97 15.67
N ALA B 298 3.31 18.59 16.26
CA ALA B 298 3.54 19.68 17.25
C ALA B 298 4.43 19.17 18.40
N GLY B 299 5.53 19.84 18.67
CA GLY B 299 6.49 19.51 19.71
C GLY B 299 7.35 18.30 19.41
N LYS B 300 7.46 17.90 18.13
CA LYS B 300 8.32 16.73 17.77
C LYS B 300 9.62 17.23 17.16
N GLY B 301 10.24 18.23 17.78
CA GLY B 301 11.63 18.57 17.52
C GLY B 301 11.99 18.63 16.05
N GLU B 302 13.12 18.01 15.70
CA GLU B 302 13.71 18.13 14.33
C GLU B 302 12.80 17.44 13.33
N TYR B 303 11.95 16.50 13.77
CA TYR B 303 10.99 15.83 12.87
C TYR B 303 9.98 16.82 12.32
N GLU B 304 9.37 17.59 13.21
CA GLU B 304 8.38 18.64 12.89
C GLU B 304 9.01 19.66 11.95
N LYS B 305 10.22 20.14 12.27
CA LYS B 305 10.82 21.20 11.42
C LYS B 305 11.19 20.64 10.05
N ALA B 306 11.70 19.41 9.97
CA ALA B 306 12.07 18.80 8.68
C ALA B 306 10.85 18.63 7.79
N TRP B 307 9.74 18.20 8.35
CA TRP B 307 8.51 18.06 7.54
C TRP B 307 8.06 19.43 7.03
N ARG B 308 8.06 20.43 7.91
CA ARG B 308 7.58 21.78 7.50
C ARG B 308 8.39 22.28 6.29
N LEU B 309 9.71 22.12 6.32
CA LEU B 309 10.59 22.56 5.19
C LEU B 309 10.32 21.68 3.95
N HIS B 310 10.05 20.40 4.14
CA HIS B 310 9.73 19.52 2.98
C HIS B 310 8.42 20.00 2.30
N ALA B 311 7.34 20.28 3.08
CA ALA B 311 6.05 20.70 2.50
C ALA B 311 6.21 22.04 1.79
N SER B 312 6.85 23.00 2.42
CA SER B 312 7.00 24.33 1.79
C SER B 312 7.84 24.22 0.51
N GLY B 313 8.90 23.42 0.55
CA GLY B 313 9.80 23.22 -0.61
C GLY B 313 9.12 22.48 -1.74
N TYR B 314 8.20 21.58 -1.36
CA TYR B 314 7.50 20.76 -2.34
C TYR B 314 6.55 21.61 -3.18
N LEU B 315 5.85 22.54 -2.56
CA LEU B 315 5.01 23.50 -3.35
C LEU B 315 5.92 24.30 -4.28
N GLN B 316 7.05 24.76 -3.80
CA GLN B 316 7.91 25.63 -4.63
C GLN B 316 8.54 24.86 -5.80
N MET B 317 8.78 23.57 -5.57
CA MET B 317 9.30 22.74 -6.68
C MET B 317 8.34 22.76 -7.86
N HIS B 318 7.05 22.62 -7.60
CA HIS B 318 6.01 22.66 -8.65
C HIS B 318 5.97 24.04 -9.33
N VAL B 319 6.13 25.10 -8.54
CA VAL B 319 6.18 26.50 -9.06
C VAL B 319 7.35 26.63 -10.03
N GLN B 320 8.48 26.05 -9.69
CA GLN B 320 9.72 26.34 -10.44
C GLN B 320 10.02 25.44 -11.61
N ARG B 321 9.58 24.20 -11.58
CA ARG B 321 10.07 23.21 -12.56
C ARG B 321 9.30 23.14 -13.88
N GLY B 322 10.09 23.01 -14.94
CA GLY B 322 9.53 22.95 -16.30
C GLY B 322 8.58 21.78 -16.51
N ARG B 323 8.79 20.66 -15.78
CA ARG B 323 7.86 19.50 -15.89
C ARG B 323 6.42 19.98 -15.71
N TYR B 324 6.15 21.00 -14.88
CA TYR B 324 4.75 21.38 -14.54
C TYR B 324 4.23 22.61 -15.34
N ARG B 325 5.14 23.25 -16.08
CA ARG B 325 4.75 24.35 -17.04
C ARG B 325 3.87 25.41 -16.40
N LEU B 326 4.05 25.71 -15.12
CA LEU B 326 3.07 26.59 -14.45
C LEU B 326 3.29 28.06 -14.85
N ILE B 327 4.40 28.44 -15.42
CA ILE B 327 4.56 29.82 -15.97
C ILE B 327 3.40 30.07 -16.95
N GLU B 328 2.91 29.06 -17.64
CA GLU B 328 1.84 29.19 -18.67
C GLU B 328 0.47 29.49 -18.06
N VAL B 329 0.33 29.21 -16.76
CA VAL B 329 -0.92 29.38 -15.98
C VAL B 329 -0.81 30.66 -15.12
N GLY B 330 0.34 31.31 -15.11
CA GLY B 330 0.55 32.57 -14.38
C GLY B 330 0.93 32.38 -12.93
N VAL B 331 1.25 31.15 -12.47
CA VAL B 331 1.65 30.95 -11.06
C VAL B 331 3.05 30.35 -10.93
N GLY B 332 3.69 30.02 -12.03
CA GLY B 332 5.03 29.43 -11.92
C GLY B 332 6.12 30.32 -12.49
N ASP B 333 7.35 29.81 -12.44
CA ASP B 333 8.55 30.56 -12.85
C ASP B 333 9.07 30.05 -14.21
N ALA B 334 9.66 30.91 -14.96
CA ALA B 334 10.15 30.57 -16.28
C ALA B 334 11.27 29.52 -16.18
N PRO B 335 11.33 28.60 -17.14
CA PRO B 335 12.31 27.53 -17.05
C PRO B 335 13.73 27.99 -17.32
N ASP B 336 14.70 27.26 -16.78
CA ASP B 336 16.14 27.46 -17.08
C ASP B 336 16.44 27.06 -18.52
N VAL B 337 17.47 27.68 -19.10
CA VAL B 337 17.75 27.53 -20.56
C VAL B 337 17.99 26.05 -20.91
N HIS B 338 18.61 25.29 -20.02
CA HIS B 338 18.99 23.88 -20.35
C HIS B 338 17.82 22.95 -20.06
N GLU B 339 16.76 23.39 -19.36
CA GLU B 339 15.65 22.48 -18.96
C GLU B 339 14.48 22.50 -19.97
N VAL B 340 14.43 23.54 -20.80
CA VAL B 340 13.42 23.63 -21.87
C VAL B 340 13.61 22.40 -22.76
N ILE B 341 12.52 21.73 -23.07
CA ILE B 341 12.59 20.56 -23.98
C ILE B 341 12.92 21.04 -25.38
N LYS B 342 13.87 20.40 -26.05
CA LYS B 342 14.01 20.60 -27.53
C LYS B 342 13.39 19.42 -28.28
#